data_7X3D
#
_entry.id   7X3D
#
_cell.length_a   1.00
_cell.length_b   1.00
_cell.length_c   1.00
_cell.angle_alpha   90.00
_cell.angle_beta   90.00
_cell.angle_gamma   90.00
#
_symmetry.space_group_name_H-M   'P 1'
#
loop_
_entity.id
_entity.type
_entity.pdbx_description
1 polymer 'Virion protein 1'
2 polymer VP2
3 polymer VP3
4 polymer 'Capsid protein VP4'
5 polymer '9A3 heavy chain'
6 polymer '9A3 light chain'
7 non-polymer 'PALMITIC ACID'
#
loop_
_entity_poly.entity_id
_entity_poly.type
_entity_poly.pdbx_seq_one_letter_code
_entity_poly.pdbx_strand_id
1 'polypeptide(L)'
;GPVEESVDRAVARVADTISSRPTNSESIPALTAAETGHTSQVVPSDTMQTRHVKNYHSRSESSIENFLCRSACVYYATYT
NNSKKGFAEWVINTRQVAQLRRKLELFTYLRFDLELTFVITSAQQPSTASSVDAPVQTHQIMYVPPGGPVPTKVKDYAWQ
TSTNPSVFWTEGNAPPRMSIPFISIGNAYSCFYDGWTQFSRNGVYGINTLNNMGTLYMRHVNEAGQGPIKSTVRIYFKPK
HVKAWVPRPPRLCQYEKQKNVNFSPIGVTTSRTDIITT
;
A
2 'polypeptide(L)'
;SPSAEECGYSDRVRSITLGNSTITTQECANVVVGYGVWPEYLKDNEATAEDQPTQPDVATCRFYTLESVQWMKNSAGWWW
KLPDALSQMGLFGQNMQYHYLGRTGYTIHVQCNASKFHQGCLLVVCVPEAEMGCSNLNNTPEFSELSGGDSARMFTDTQV
GESNAKKVQTAVWNAGMGVGVGNLTIFPHQWINLRTNNSATLVMPYINSVPMDNMFRHNNLTLMIIPFVPLNYSEGSSPY
VPITVTIAPMCAEYNGLRLASNQ
;
B
3 'polypeptide(L)'
;GLPVMTTPGSTQFLTSDDFQSPSAMPQFDVTPEMQIPGRVNNLMEIAEVDSVVPVNNTEDNVSSLKAYQIPVQSNSDNGK
QVFGFPLQPGANNVLNRTLLGEILNYYTHWSGSIKLTFMFCGSAMATGKFLLAYSPPGAGVPKNRKDAMLGTHVIWDVGL
QSSCVLCVPWISQTHYRYVVEDEYTAAGYVTCWYQTNIVVPADVQSSCDILCFVSACNDFSVRMLKDTPFIRQDTFYQ
;
C
4 'polypeptide(L)' MGAQVSTQKTGAHETGLNASGNSVIHYTNINYYKDAASNSANRQDFTQDPGKFTEPVKDIMVKTMPALN D
5 'polypeptide(L)'
;EVKLVESGGGLVQPGGSLSLSCAASGFTFTDYYMNWVRQPSGKALEWLGFLRNKANGYTTEYSASVKGRFTISRDNSQSI
LYLQMNALRAEDSATYYCARSRYYGGTYRYALDYWGQGTSVTVS
;
H
6 'polypeptide(L)'
;ENVLTQSPPIMSASPGEKVTMTCRASSSVSSSYLHWYQQKSGASPKLWIYSTSNLASGVPARFSGSGSGTSYSLTISSVE
AEDAATYYCQQFSGYPLTFGAGTKLELK
;
L
#
# COMPACT_ATOMS: atom_id res chain seq x y z
N ALA A 12 -17.82 26.47 -6.95
CA ALA A 12 -16.41 26.41 -6.61
C ALA A 12 -15.56 26.40 -7.84
N ARG A 13 -15.16 27.58 -8.31
CA ARG A 13 -14.41 27.66 -9.55
C ARG A 13 -12.95 27.31 -9.31
N VAL A 14 -12.20 27.23 -10.40
CA VAL A 14 -10.77 26.99 -10.33
C VAL A 14 -10.05 28.24 -10.78
N ALA A 15 -8.73 28.22 -10.67
CA ALA A 15 -7.93 29.42 -10.91
C ALA A 15 -7.62 29.58 -12.39
N ASP A 16 -7.78 30.79 -12.89
CA ASP A 16 -7.55 31.07 -14.29
C ASP A 16 -6.10 31.47 -14.54
N THR A 17 -5.65 31.23 -15.77
CA THR A 17 -4.25 31.40 -16.14
C THR A 17 -3.98 32.85 -16.51
N ILE A 18 -3.01 33.46 -15.85
CA ILE A 18 -2.61 34.81 -16.19
C ILE A 18 -1.65 34.78 -17.38
N SER A 19 -1.47 35.94 -17.99
CA SER A 19 -0.56 36.04 -19.12
C SER A 19 0.88 36.00 -18.65
N SER A 20 1.80 35.80 -19.59
CA SER A 20 3.21 35.74 -19.24
C SER A 20 4.04 36.36 -20.35
N ARG A 21 5.27 36.68 -20.02
CA ARG A 21 6.19 37.41 -20.89
C ARG A 21 7.55 36.76 -20.80
N PRO A 22 8.42 36.94 -21.79
CA PRO A 22 9.77 36.37 -21.70
C PRO A 22 10.59 37.07 -20.64
N THR A 23 11.14 36.28 -19.71
CA THR A 23 11.95 36.80 -18.62
C THR A 23 13.37 36.29 -18.73
N ASN A 24 14.27 37.02 -18.08
CA ASN A 24 15.68 36.62 -17.93
C ASN A 24 16.15 37.26 -16.62
N SER A 25 16.01 36.52 -15.52
CA SER A 25 16.23 37.10 -14.21
C SER A 25 16.74 36.03 -13.27
N GLU A 26 16.92 36.42 -12.01
CA GLU A 26 17.47 35.56 -10.97
C GLU A 26 16.40 34.80 -10.21
N SER A 27 15.15 34.86 -10.64
CA SER A 27 14.08 34.16 -9.96
C SER A 27 13.89 32.80 -10.60
N ILE A 28 14.02 31.74 -9.81
CA ILE A 28 13.92 30.37 -10.30
C ILE A 28 12.71 29.66 -9.70
N PRO A 29 11.54 29.75 -10.34
CA PRO A 29 10.38 29.01 -9.82
C PRO A 29 10.45 27.53 -10.11
N ALA A 30 11.26 27.09 -11.07
CA ALA A 30 11.31 25.70 -11.43
C ALA A 30 12.14 24.88 -10.45
N LEU A 31 13.30 25.38 -10.04
CA LEU A 31 14.19 24.65 -9.15
C LEU A 31 13.65 24.70 -7.72
N THR A 32 13.19 23.57 -7.22
CA THR A 32 12.74 23.43 -5.85
C THR A 32 13.67 22.47 -5.13
N ALA A 33 13.35 22.15 -3.87
CA ALA A 33 14.02 21.09 -3.13
C ALA A 33 12.95 20.21 -2.52
N ALA A 34 12.81 19.00 -3.05
CA ALA A 34 11.70 18.13 -2.64
C ALA A 34 12.01 17.33 -1.39
N GLU A 35 13.16 17.56 -0.75
CA GLU A 35 13.43 16.90 0.53
C GLU A 35 12.63 17.51 1.67
N THR A 36 12.16 18.74 1.51
CA THR A 36 11.52 19.44 2.60
C THR A 36 10.09 18.97 2.87
N GLY A 37 9.60 17.98 2.14
CA GLY A 37 8.25 17.49 2.34
C GLY A 37 7.20 18.49 1.90
N HIS A 38 7.38 19.09 0.74
CA HIS A 38 6.62 20.25 0.33
C HIS A 38 6.34 20.13 -1.16
N THR A 39 5.07 20.09 -1.52
CA THR A 39 4.68 20.03 -2.92
C THR A 39 4.92 21.38 -3.57
N SER A 40 5.58 21.38 -4.72
CA SER A 40 5.89 22.61 -5.42
C SER A 40 4.63 23.27 -5.95
N GLN A 41 4.57 24.59 -5.83
CA GLN A 41 3.37 25.35 -6.14
C GLN A 41 3.53 26.18 -7.41
N VAL A 42 4.16 25.61 -8.44
CA VAL A 42 4.28 26.34 -9.69
C VAL A 42 2.97 26.23 -10.46
N VAL A 43 2.84 27.10 -11.45
CA VAL A 43 1.73 27.11 -12.40
C VAL A 43 2.37 27.21 -13.78
N PRO A 44 1.67 26.78 -14.85
CA PRO A 44 2.33 26.78 -16.17
C PRO A 44 2.66 28.15 -16.72
N SER A 45 2.25 29.25 -16.09
CA SER A 45 2.69 30.56 -16.50
C SER A 45 4.02 30.95 -15.88
N ASP A 46 4.78 29.99 -15.37
CA ASP A 46 6.06 30.25 -14.73
C ASP A 46 7.26 29.66 -15.46
N THR A 47 7.05 28.67 -16.32
CA THR A 47 8.15 28.11 -17.09
C THR A 47 8.00 28.36 -18.59
N MET A 48 6.91 28.95 -19.04
CA MET A 48 6.71 29.22 -20.46
C MET A 48 5.87 30.48 -20.60
N GLN A 49 5.42 30.78 -21.82
CA GLN A 49 4.53 31.90 -22.09
C GLN A 49 3.13 31.38 -22.29
N THR A 50 2.18 31.91 -21.52
CA THR A 50 0.79 31.52 -21.64
C THR A 50 -0.08 32.71 -22.03
N ARG A 51 -1.33 32.41 -22.39
CA ARG A 51 -2.33 33.40 -22.71
C ARG A 51 -3.38 33.43 -21.61
N HIS A 52 -4.03 34.58 -21.46
CA HIS A 52 -5.02 34.72 -20.40
C HIS A 52 -6.28 33.97 -20.79
N VAL A 53 -6.54 32.83 -20.15
CA VAL A 53 -7.74 32.06 -20.39
C VAL A 53 -8.55 32.03 -19.10
N LYS A 54 -9.86 32.23 -19.22
CA LYS A 54 -10.74 32.21 -18.06
C LYS A 54 -11.30 30.80 -17.89
N ASN A 55 -11.03 30.19 -16.75
CA ASN A 55 -11.51 28.85 -16.46
C ASN A 55 -12.86 28.95 -15.77
N TYR A 56 -13.90 28.49 -16.43
CA TYR A 56 -15.21 28.38 -15.82
C TYR A 56 -15.46 27.00 -15.26
N HIS A 57 -14.44 26.18 -15.14
CA HIS A 57 -14.61 24.82 -14.64
C HIS A 57 -14.86 24.85 -13.15
N SER A 58 -15.41 23.76 -12.64
CA SER A 58 -15.83 23.71 -11.25
C SER A 58 -15.42 22.37 -10.64
N ARG A 59 -15.12 22.43 -9.35
CA ARG A 59 -14.77 21.26 -8.55
C ARG A 59 -15.94 20.83 -7.69
N SER A 60 -17.15 20.86 -8.24
CA SER A 60 -18.34 20.57 -7.44
C SER A 60 -18.59 19.08 -7.29
N GLU A 61 -18.28 18.28 -8.31
CA GLU A 61 -18.59 16.86 -8.23
C GLU A 61 -17.44 16.05 -7.63
N SER A 62 -16.49 16.71 -6.99
CA SER A 62 -15.42 16.01 -6.28
C SER A 62 -15.33 16.45 -4.82
N SER A 63 -16.42 16.88 -4.22
CA SER A 63 -16.45 17.09 -2.79
C SER A 63 -16.50 15.76 -2.07
N ILE A 64 -16.46 15.81 -0.74
CA ILE A 64 -16.68 14.59 0.02
C ILE A 64 -18.16 14.22 -0.02
N GLU A 65 -19.02 15.23 -0.03
CA GLU A 65 -20.45 14.97 0.02
C GLU A 65 -21.00 14.44 -1.29
N ASN A 66 -20.42 14.84 -2.43
CA ASN A 66 -20.88 14.32 -3.70
C ASN A 66 -20.21 13.01 -4.09
N PHE A 67 -19.20 12.59 -3.35
CA PHE A 67 -18.47 11.37 -3.66
C PHE A 67 -18.99 10.19 -2.87
N LEU A 68 -19.26 10.38 -1.59
CA LEU A 68 -19.67 9.30 -0.71
C LEU A 68 -21.17 9.08 -0.67
N CYS A 69 -21.98 10.09 -1.00
CA CYS A 69 -23.42 9.99 -0.86
C CYS A 69 -24.05 9.43 -2.12
N ARG A 70 -23.83 8.13 -2.33
CA ARG A 70 -24.56 7.32 -3.31
C ARG A 70 -24.80 5.96 -2.67
N SER A 71 -25.96 5.38 -2.95
CA SER A 71 -26.36 4.14 -2.30
C SER A 71 -25.60 2.95 -2.84
N ALA A 72 -25.17 2.07 -1.93
CA ALA A 72 -24.37 0.91 -2.29
C ALA A 72 -24.78 -0.29 -1.47
N CYS A 73 -24.75 -1.47 -2.09
CA CYS A 73 -25.18 -2.70 -1.44
C CYS A 73 -24.13 -3.17 -0.45
N VAL A 74 -24.58 -3.75 0.67
CA VAL A 74 -23.63 -4.22 1.68
C VAL A 74 -23.77 -5.71 2.00
N TYR A 75 -24.97 -6.27 1.82
CA TYR A 75 -25.25 -7.66 2.16
C TYR A 75 -26.56 -8.06 1.53
N TYR A 76 -26.77 -9.36 1.39
CA TYR A 76 -28.10 -9.90 1.12
C TYR A 76 -28.23 -11.30 1.70
N ALA A 77 -29.34 -11.55 2.38
CA ALA A 77 -29.53 -12.78 3.13
C ALA A 77 -30.90 -13.37 2.82
N THR A 78 -30.94 -14.67 2.57
CA THR A 78 -32.14 -15.36 2.13
C THR A 78 -32.79 -16.09 3.29
N TYR A 79 -34.08 -16.37 3.15
CA TYR A 79 -34.81 -17.12 4.16
C TYR A 79 -36.01 -17.76 3.51
N THR A 80 -36.39 -18.94 4.01
CA THR A 80 -37.38 -19.78 3.37
C THR A 80 -38.64 -19.82 4.23
N ASN A 81 -39.80 -19.82 3.58
CA ASN A 81 -41.08 -19.79 4.28
C ASN A 81 -41.35 -21.09 5.00
N ASN A 82 -41.39 -22.20 4.26
CA ASN A 82 -41.80 -23.51 4.80
C ASN A 82 -40.61 -24.17 5.48
N SER A 83 -40.28 -23.64 6.66
CA SER A 83 -39.34 -24.24 7.59
C SER A 83 -39.58 -23.62 8.95
N LYS A 84 -39.36 -24.40 10.00
CA LYS A 84 -39.14 -23.79 11.30
C LYS A 84 -37.76 -23.16 11.28
N LYS A 85 -37.58 -22.11 12.11
CA LYS A 85 -36.47 -21.15 12.09
C LYS A 85 -36.02 -20.79 10.67
N GLY A 86 -36.98 -20.38 9.85
CA GLY A 86 -36.67 -19.72 8.59
C GLY A 86 -36.71 -18.23 8.76
N PHE A 87 -35.54 -17.65 9.03
CA PHE A 87 -35.39 -16.23 9.34
C PHE A 87 -33.90 -15.91 9.27
N ALA A 88 -33.59 -14.68 8.88
CA ALA A 88 -32.22 -14.29 8.63
C ALA A 88 -31.67 -13.46 9.78
N GLU A 89 -30.37 -13.22 9.74
CA GLU A 89 -29.73 -12.29 10.66
C GLU A 89 -28.46 -11.76 10.03
N TRP A 90 -27.98 -10.65 10.56
CA TRP A 90 -26.78 -10.01 10.02
C TRP A 90 -26.21 -9.10 11.10
N VAL A 91 -24.97 -9.34 11.50
CA VAL A 91 -24.28 -8.39 12.37
C VAL A 91 -23.72 -7.28 11.50
N ILE A 92 -23.92 -6.04 11.93
CA ILE A 92 -23.82 -4.92 11.00
C ILE A 92 -22.38 -4.43 10.92
N ASN A 93 -21.82 -4.44 9.71
CA ASN A 93 -20.55 -3.83 9.39
C ASN A 93 -20.49 -3.62 7.89
N THR A 94 -19.57 -2.74 7.47
CA THR A 94 -19.41 -2.40 6.07
C THR A 94 -18.16 -3.05 5.49
N ARG A 95 -17.82 -4.26 5.95
CA ARG A 95 -16.61 -4.94 5.50
C ARG A 95 -16.87 -6.24 4.77
N GLN A 96 -18.03 -6.39 4.14
CA GLN A 96 -18.29 -7.58 3.36
C GLN A 96 -18.47 -7.34 1.87
N VAL A 97 -18.39 -6.11 1.42
CA VAL A 97 -18.35 -5.80 0.00
C VAL A 97 -17.01 -5.16 -0.31
N ALA A 98 -16.60 -5.27 -1.56
CA ALA A 98 -15.29 -4.78 -1.96
C ALA A 98 -15.32 -3.37 -2.52
N GLN A 99 -16.50 -2.78 -2.72
CA GLN A 99 -16.58 -1.48 -3.36
C GLN A 99 -16.96 -0.36 -2.41
N LEU A 100 -17.78 -0.64 -1.39
CA LEU A 100 -18.02 0.36 -0.37
C LEU A 100 -16.86 0.40 0.63
N ARG A 101 -16.22 -0.74 0.88
CA ARG A 101 -15.13 -0.80 1.85
C ARG A 101 -13.92 -0.03 1.36
N ARG A 102 -13.64 -0.07 0.05
CA ARG A 102 -12.48 0.65 -0.47
C ARG A 102 -12.73 2.14 -0.55
N LYS A 103 -13.98 2.57 -0.70
CA LYS A 103 -14.27 4.01 -0.69
C LYS A 103 -14.15 4.59 0.71
N LEU A 104 -14.61 3.87 1.72
CA LEU A 104 -14.54 4.38 3.08
C LEU A 104 -13.12 4.35 3.61
N GLU A 105 -12.28 3.46 3.09
CA GLU A 105 -10.92 3.31 3.59
C GLU A 105 -9.91 4.16 2.83
N LEU A 106 -10.35 5.27 2.25
CA LEU A 106 -9.41 6.31 1.86
C LEU A 106 -9.20 7.30 2.99
N PHE A 107 -10.05 7.28 4.00
CA PHE A 107 -9.94 8.16 5.16
C PHE A 107 -9.86 7.31 6.41
N THR A 108 -9.29 7.88 7.46
CA THR A 108 -9.16 7.12 8.70
C THR A 108 -10.38 7.31 9.59
N TYR A 109 -10.84 8.54 9.80
CA TYR A 109 -11.98 8.82 10.65
C TYR A 109 -13.10 9.45 9.84
N LEU A 110 -14.29 8.90 9.94
CA LEU A 110 -15.45 9.41 9.26
C LEU A 110 -16.55 9.72 10.27
N ARG A 111 -17.53 10.49 9.85
CA ARG A 111 -18.65 10.85 10.69
C ARG A 111 -19.82 11.20 9.79
N PHE A 112 -20.87 10.38 9.79
CA PHE A 112 -21.96 10.60 8.87
C PHE A 112 -23.28 10.14 9.47
N ASP A 113 -24.36 10.42 8.75
CA ASP A 113 -25.66 9.82 8.97
C ASP A 113 -25.81 8.68 7.98
N LEU A 114 -26.98 8.05 7.94
CA LEU A 114 -27.26 7.03 6.95
C LEU A 114 -28.61 7.28 6.31
N GLU A 115 -28.90 6.50 5.28
CA GLU A 115 -30.21 6.51 4.64
C GLU A 115 -30.44 5.08 4.11
N LEU A 116 -31.07 4.27 4.95
CA LEU A 116 -31.04 2.83 4.81
C LEU A 116 -32.23 2.35 3.98
N THR A 117 -31.96 1.50 2.98
CA THR A 117 -32.99 1.04 2.05
C THR A 117 -32.87 -0.45 1.82
N PHE A 118 -34.01 -1.15 1.84
CA PHE A 118 -34.07 -2.59 1.61
C PHE A 118 -34.88 -2.88 0.36
N VAL A 119 -34.39 -3.81 -0.46
CA VAL A 119 -35.07 -4.20 -1.69
C VAL A 119 -35.38 -5.69 -1.57
N ILE A 120 -36.60 -6.02 -1.18
CA ILE A 120 -36.98 -7.38 -0.82
C ILE A 120 -37.69 -8.05 -1.98
N THR A 121 -37.20 -9.23 -2.36
CA THR A 121 -37.71 -10.01 -3.48
C THR A 121 -38.28 -11.33 -2.97
N SER A 122 -38.83 -12.12 -3.89
CA SER A 122 -39.41 -13.41 -3.54
C SER A 122 -39.32 -14.32 -4.76
N ALA A 123 -39.40 -15.62 -4.51
CA ALA A 123 -39.31 -16.61 -5.57
C ALA A 123 -40.01 -17.88 -5.13
N GLN A 124 -40.83 -18.44 -6.01
CA GLN A 124 -41.58 -19.64 -5.69
C GLN A 124 -40.67 -20.85 -5.71
N GLN A 125 -40.87 -21.76 -4.77
CA GLN A 125 -40.05 -22.96 -4.65
C GLN A 125 -40.81 -24.17 -5.16
N PRO A 126 -40.11 -25.27 -5.51
CA PRO A 126 -40.80 -26.44 -6.04
C PRO A 126 -41.62 -27.21 -5.00
N SER A 127 -42.87 -26.83 -4.84
CA SER A 127 -43.80 -27.56 -3.99
C SER A 127 -44.33 -28.81 -4.72
N THR A 128 -45.38 -29.42 -4.17
CA THR A 128 -45.96 -30.60 -4.80
C THR A 128 -47.46 -30.55 -4.97
N ALA A 129 -48.15 -29.56 -4.41
CA ALA A 129 -49.59 -29.50 -4.56
C ALA A 129 -49.96 -28.91 -5.92
N SER A 130 -51.25 -28.93 -6.22
CA SER A 130 -51.79 -28.30 -7.41
C SER A 130 -52.62 -27.09 -7.02
N SER A 131 -52.80 -26.18 -7.97
CA SER A 131 -53.47 -24.90 -7.80
C SER A 131 -52.89 -24.10 -6.63
N VAL A 132 -51.66 -23.67 -6.81
CA VAL A 132 -51.00 -22.80 -5.83
C VAL A 132 -51.37 -21.36 -6.13
N ASP A 133 -52.00 -20.69 -5.17
CA ASP A 133 -52.32 -19.28 -5.30
C ASP A 133 -52.03 -18.62 -3.95
N ALA A 134 -51.03 -17.79 -3.91
CA ALA A 134 -50.68 -17.23 -2.63
C ALA A 134 -51.05 -15.76 -2.56
N PRO A 135 -51.44 -15.27 -1.40
CA PRO A 135 -51.73 -13.84 -1.26
C PRO A 135 -50.49 -12.98 -1.20
N VAL A 136 -50.66 -11.68 -1.05
CA VAL A 136 -49.55 -10.74 -1.09
C VAL A 136 -48.79 -10.81 0.22
N GLN A 137 -47.47 -10.99 0.14
CA GLN A 137 -46.65 -11.33 1.29
C GLN A 137 -46.21 -10.10 2.06
N THR A 138 -45.96 -10.27 3.35
CA THR A 138 -45.54 -9.21 4.25
C THR A 138 -44.21 -9.61 4.89
N HIS A 139 -43.35 -8.64 5.17
CA HIS A 139 -42.06 -8.91 5.77
C HIS A 139 -41.86 -8.03 6.99
N GLN A 140 -40.93 -8.41 7.86
CA GLN A 140 -40.58 -7.62 9.03
C GLN A 140 -39.08 -7.62 9.22
N ILE A 141 -38.49 -6.44 9.37
CA ILE A 141 -37.05 -6.28 9.56
C ILE A 141 -36.83 -5.61 10.90
N MET A 142 -36.31 -6.36 11.86
CA MET A 142 -36.19 -5.89 13.23
C MET A 142 -34.73 -5.53 13.51
N TYR A 143 -34.52 -4.49 14.31
CA TYR A 143 -33.17 -4.08 14.70
C TYR A 143 -32.99 -4.33 16.19
N VAL A 144 -31.99 -5.11 16.54
CA VAL A 144 -31.69 -5.44 17.93
C VAL A 144 -30.35 -4.80 18.29
N PRO A 145 -30.32 -3.82 19.19
CA PRO A 145 -29.06 -3.21 19.61
C PRO A 145 -28.23 -4.19 20.42
N PRO A 146 -26.95 -3.90 20.68
CA PRO A 146 -26.15 -4.87 21.45
C PRO A 146 -26.56 -4.97 22.91
N GLY A 147 -27.25 -6.05 23.24
CA GLY A 147 -27.71 -6.26 24.58
C GLY A 147 -29.11 -6.83 24.68
N GLY A 148 -29.95 -6.57 23.68
CA GLY A 148 -31.35 -6.93 23.74
C GLY A 148 -31.56 -8.42 23.58
N PRO A 149 -32.83 -8.84 23.71
CA PRO A 149 -33.15 -10.25 23.48
C PRO A 149 -33.25 -10.55 21.99
N VAL A 150 -32.77 -11.73 21.61
CA VAL A 150 -32.72 -12.10 20.21
C VAL A 150 -33.73 -13.22 19.94
N PRO A 151 -34.28 -13.31 18.73
CA PRO A 151 -35.19 -14.41 18.41
C PRO A 151 -34.45 -15.69 18.10
N THR A 152 -35.15 -16.80 18.31
CA THR A 152 -34.63 -18.12 17.99
C THR A 152 -35.51 -18.91 17.04
N LYS A 153 -36.75 -18.51 16.83
CA LYS A 153 -37.61 -19.14 15.84
C LYS A 153 -38.59 -18.09 15.32
N VAL A 154 -39.44 -18.50 14.38
CA VAL A 154 -40.28 -17.53 13.70
C VAL A 154 -41.47 -17.13 14.57
N LYS A 155 -42.04 -18.07 15.33
CA LYS A 155 -43.14 -17.76 16.24
C LYS A 155 -42.56 -17.62 17.64
N ASP A 156 -42.08 -16.43 17.94
CA ASP A 156 -41.37 -16.16 19.18
C ASP A 156 -42.00 -14.98 19.90
N TYR A 157 -41.65 -14.83 21.16
CA TYR A 157 -42.05 -13.64 21.90
C TYR A 157 -41.22 -12.42 21.51
N ALA A 158 -40.04 -12.61 20.94
CA ALA A 158 -39.10 -11.52 20.76
C ALA A 158 -39.51 -10.57 19.65
N TRP A 159 -40.38 -11.01 18.73
CA TRP A 159 -40.78 -10.20 17.60
C TRP A 159 -41.88 -9.22 17.93
N GLN A 160 -42.16 -8.96 19.21
CA GLN A 160 -43.22 -8.01 19.54
C GLN A 160 -42.81 -6.58 19.25
N THR A 161 -41.51 -6.28 19.34
CA THR A 161 -40.91 -4.95 19.17
C THR A 161 -41.59 -3.92 20.06
N SER A 162 -41.56 -4.18 21.36
CA SER A 162 -42.08 -3.22 22.32
C SER A 162 -41.24 -1.95 22.37
N THR A 163 -39.93 -2.08 22.19
CA THR A 163 -39.04 -0.93 22.17
C THR A 163 -38.01 -0.93 21.05
N ASN A 164 -37.76 -2.06 20.39
CA ASN A 164 -36.89 -2.05 19.23
C ASN A 164 -37.61 -1.37 18.06
N PRO A 165 -36.87 -0.77 17.14
CA PRO A 165 -37.50 -0.31 15.90
C PRO A 165 -37.59 -1.44 14.89
N SER A 166 -38.61 -1.38 14.05
CA SER A 166 -38.83 -2.40 13.03
C SER A 166 -39.72 -1.80 11.96
N VAL A 167 -39.80 -2.50 10.83
CA VAL A 167 -40.53 -1.99 9.66
C VAL A 167 -41.27 -3.14 9.02
N PHE A 168 -42.51 -2.89 8.61
CA PHE A 168 -43.35 -3.87 7.95
C PHE A 168 -43.57 -3.41 6.51
N TRP A 169 -43.79 -4.37 5.61
CA TRP A 169 -43.82 -4.03 4.19
C TRP A 169 -44.58 -5.10 3.42
N THR A 170 -45.61 -4.70 2.69
CA THR A 170 -46.39 -5.60 1.85
C THR A 170 -45.90 -5.45 0.42
N GLU A 171 -45.59 -6.56 -0.24
CA GLU A 171 -44.84 -6.56 -1.49
C GLU A 171 -45.60 -5.90 -2.63
N GLY A 172 -44.87 -5.25 -3.52
CA GLY A 172 -45.45 -4.53 -4.62
C GLY A 172 -45.48 -3.02 -4.46
N ASN A 173 -44.96 -2.49 -3.36
CA ASN A 173 -44.93 -1.07 -3.08
C ASN A 173 -43.51 -0.56 -3.25
N ALA A 174 -43.30 0.70 -2.89
CA ALA A 174 -41.98 1.29 -2.92
C ALA A 174 -41.12 0.72 -1.80
N PRO A 175 -39.80 0.66 -1.98
CA PRO A 175 -38.95 0.01 -0.98
C PRO A 175 -38.91 0.81 0.32
N PRO A 176 -38.74 0.13 1.46
CA PRO A 176 -38.73 0.84 2.73
C PRO A 176 -37.46 1.64 2.95
N ARG A 177 -37.60 2.79 3.57
CA ARG A 177 -36.47 3.69 3.79
C ARG A 177 -36.62 4.39 5.13
N MET A 178 -35.48 4.64 5.78
CA MET A 178 -35.45 5.36 7.04
C MET A 178 -34.07 5.96 7.19
N SER A 179 -33.94 6.89 8.12
CA SER A 179 -32.67 7.56 8.35
C SER A 179 -32.18 7.28 9.76
N ILE A 180 -30.86 7.16 9.90
CA ILE A 180 -30.24 6.79 11.16
C ILE A 180 -29.22 7.86 11.52
N PRO A 181 -29.22 8.40 12.74
CA PRO A 181 -28.24 9.42 13.09
C PRO A 181 -26.87 8.86 13.37
N PHE A 182 -25.95 9.68 13.86
CA PHE A 182 -24.59 9.23 14.14
C PHE A 182 -24.57 8.49 15.47
N ILE A 183 -24.72 7.17 15.42
CA ILE A 183 -24.77 6.34 16.61
C ILE A 183 -23.37 5.80 16.87
N SER A 184 -22.66 6.44 17.81
CA SER A 184 -21.33 5.97 18.15
C SER A 184 -20.99 6.45 19.55
N ILE A 185 -19.88 5.92 20.06
CA ILE A 185 -19.38 6.29 21.37
C ILE A 185 -18.36 7.41 21.27
N GLY A 186 -17.32 7.22 20.47
CA GLY A 186 -16.37 8.28 20.23
C GLY A 186 -16.90 9.31 19.27
N ASN A 187 -16.04 10.28 18.95
CA ASN A 187 -16.47 11.41 18.15
C ASN A 187 -16.32 11.19 16.65
N ALA A 188 -16.00 9.97 16.21
CA ALA A 188 -15.83 9.67 14.79
C ALA A 188 -15.84 8.17 14.60
N TYR A 189 -16.39 7.73 13.49
CA TYR A 189 -16.29 6.32 13.09
C TYR A 189 -14.85 6.04 12.68
N SER A 190 -14.16 5.21 13.43
CA SER A 190 -12.79 4.88 13.13
C SER A 190 -12.77 3.76 12.12
N CYS A 191 -12.17 4.01 10.95
CA CYS A 191 -12.07 2.96 9.94
C CYS A 191 -10.96 1.98 10.25
N PHE A 192 -9.90 2.43 10.91
CA PHE A 192 -8.75 1.61 11.24
C PHE A 192 -8.49 1.69 12.74
N TYR A 193 -7.85 0.65 13.26
CA TYR A 193 -7.53 0.58 14.68
C TYR A 193 -6.28 -0.26 14.82
N ASP A 194 -5.19 0.36 15.28
CA ASP A 194 -3.93 -0.34 15.51
C ASP A 194 -3.81 -0.58 17.00
N GLY A 195 -4.44 -1.65 17.47
CA GLY A 195 -4.38 -1.95 18.88
C GLY A 195 -5.25 -3.12 19.22
N TRP A 196 -5.07 -3.61 20.44
CA TRP A 196 -5.72 -4.81 20.91
C TRP A 196 -7.00 -4.40 21.63
N THR A 197 -7.70 -5.39 22.18
CA THR A 197 -8.91 -5.11 22.94
C THR A 197 -8.72 -5.27 24.44
N GLN A 198 -7.69 -5.96 24.88
CA GLN A 198 -7.45 -6.25 26.28
C GLN A 198 -6.13 -5.62 26.70
N PHE A 199 -6.05 -5.25 27.97
CA PHE A 199 -4.89 -4.53 28.46
C PHE A 199 -3.66 -5.42 28.57
N SER A 200 -3.83 -6.73 28.50
CA SER A 200 -2.72 -7.68 28.55
C SER A 200 -2.18 -8.00 27.16
N ARG A 201 -2.66 -7.30 26.13
CA ARG A 201 -2.13 -7.37 24.76
C ARG A 201 -2.22 -8.77 24.18
N ASN A 202 -3.34 -9.43 24.38
CA ASN A 202 -3.60 -10.75 23.83
C ASN A 202 -4.96 -10.76 23.14
N GLY A 203 -5.26 -11.86 22.48
CA GLY A 203 -6.61 -12.06 21.98
C GLY A 203 -6.86 -11.31 20.70
N VAL A 204 -7.97 -10.58 20.66
CA VAL A 204 -8.41 -9.93 19.43
C VAL A 204 -7.52 -8.73 19.16
N TYR A 205 -7.12 -8.57 17.90
CA TYR A 205 -6.34 -7.45 17.44
C TYR A 205 -6.98 -6.91 16.19
N GLY A 206 -7.05 -5.58 16.07
CA GLY A 206 -7.46 -4.97 14.82
C GLY A 206 -8.72 -4.15 14.98
N ILE A 207 -9.50 -4.12 13.91
CA ILE A 207 -10.64 -3.21 13.81
C ILE A 207 -11.91 -3.84 14.39
N ASN A 208 -11.94 -5.15 14.57
CA ASN A 208 -13.15 -5.79 15.06
C ASN A 208 -13.42 -5.53 16.54
N THR A 209 -12.51 -4.89 17.27
CA THR A 209 -12.79 -4.56 18.66
C THR A 209 -13.67 -3.33 18.81
N LEU A 210 -13.78 -2.50 17.80
CA LEU A 210 -14.65 -1.33 17.87
C LEU A 210 -16.03 -1.60 17.32
N ASN A 211 -16.18 -2.56 16.42
CA ASN A 211 -17.44 -2.83 15.76
C ASN A 211 -18.40 -3.45 16.76
N ASN A 212 -19.37 -2.65 17.19
CA ASN A 212 -20.47 -3.13 18.03
C ASN A 212 -21.70 -2.30 17.65
N MET A 213 -22.46 -2.79 16.67
CA MET A 213 -23.54 -2.01 16.09
C MET A 213 -24.89 -2.69 16.17
N GLY A 214 -24.96 -3.98 16.44
CA GLY A 214 -26.24 -4.62 16.62
C GLY A 214 -26.42 -5.86 15.78
N THR A 215 -27.67 -6.21 15.48
CA THR A 215 -28.00 -7.32 14.61
C THR A 215 -29.22 -6.87 13.83
N LEU A 216 -29.68 -7.66 12.86
CA LEU A 216 -30.82 -7.27 12.05
C LEU A 216 -31.56 -8.52 11.62
N TYR A 217 -32.74 -8.77 12.18
CA TYR A 217 -33.47 -10.01 11.93
C TYR A 217 -34.63 -9.79 10.98
N MET A 218 -34.79 -10.73 10.05
CA MET A 218 -35.80 -10.64 9.00
C MET A 218 -36.67 -11.88 9.01
N ARG A 219 -37.97 -11.72 8.73
CA ARG A 219 -38.87 -12.87 8.66
C ARG A 219 -40.09 -12.53 7.82
N HIS A 220 -40.76 -13.58 7.34
CA HIS A 220 -42.10 -13.44 6.78
C HIS A 220 -43.10 -13.25 7.90
N VAL A 221 -44.12 -12.45 7.67
CA VAL A 221 -45.15 -12.30 8.69
C VAL A 221 -46.26 -13.32 8.51
N ASN A 222 -46.60 -13.66 7.27
CA ASN A 222 -47.67 -14.60 6.95
C ASN A 222 -47.34 -16.00 7.43
N GLU A 223 -48.32 -16.88 7.30
CA GLU A 223 -48.12 -18.30 7.58
C GLU A 223 -47.69 -19.02 6.31
N ALA A 224 -47.62 -20.33 6.39
CA ALA A 224 -47.19 -21.15 5.26
C ALA A 224 -48.41 -21.66 4.52
N GLY A 225 -48.67 -21.13 3.33
CA GLY A 225 -49.88 -21.51 2.64
C GLY A 225 -49.95 -22.89 2.01
N GLN A 226 -49.27 -23.08 0.88
CA GLN A 226 -49.32 -24.34 0.15
C GLN A 226 -48.02 -24.71 -0.51
N GLY A 227 -46.97 -23.91 -0.35
CA GLY A 227 -45.73 -24.14 -1.02
C GLY A 227 -44.69 -23.16 -0.53
N PRO A 228 -43.44 -23.61 -0.41
CA PRO A 228 -42.41 -22.74 0.13
C PRO A 228 -42.10 -21.56 -0.77
N ILE A 229 -41.69 -20.47 -0.15
CA ILE A 229 -41.30 -19.24 -0.81
C ILE A 229 -39.96 -18.82 -0.22
N LYS A 230 -38.98 -18.60 -1.08
CA LYS A 230 -37.65 -18.22 -0.63
C LYS A 230 -37.40 -16.76 -0.97
N SER A 231 -37.35 -15.90 0.03
CA SER A 231 -37.18 -14.48 -0.19
C SER A 231 -35.72 -14.08 -0.04
N THR A 232 -35.44 -12.81 -0.32
CA THR A 232 -34.06 -12.31 -0.36
C THR A 232 -34.11 -10.79 -0.17
N VAL A 233 -33.45 -10.28 0.85
CA VAL A 233 -33.46 -8.85 1.14
C VAL A 233 -32.05 -8.29 0.98
N ARG A 234 -31.91 -7.30 0.11
CA ARG A 234 -30.64 -6.61 -0.09
C ARG A 234 -30.68 -5.27 0.63
N ILE A 235 -29.55 -4.89 1.21
CA ILE A 235 -29.47 -3.76 2.14
C ILE A 235 -28.57 -2.71 1.54
N TYR A 236 -28.99 -1.45 1.56
CA TYR A 236 -28.28 -0.37 0.89
C TYR A 236 -27.95 0.74 1.89
N PHE A 237 -26.68 1.14 1.93
CA PHE A 237 -26.21 2.21 2.81
C PHE A 237 -25.98 3.47 1.99
N LYS A 238 -26.14 4.62 2.61
CA LYS A 238 -25.96 5.90 1.93
C LYS A 238 -25.57 6.94 2.96
N PRO A 239 -24.30 7.33 3.01
CA PRO A 239 -23.88 8.30 4.02
C PRO A 239 -24.32 9.71 3.66
N LYS A 240 -25.00 10.37 4.58
CA LYS A 240 -25.33 11.78 4.43
C LYS A 240 -24.56 12.58 5.46
N HIS A 241 -24.34 13.87 5.14
CA HIS A 241 -23.74 14.86 6.04
C HIS A 241 -22.34 14.43 6.50
N VAL A 242 -21.49 14.11 5.53
CA VAL A 242 -20.23 13.42 5.80
C VAL A 242 -19.17 14.43 6.21
N LYS A 243 -18.37 14.06 7.21
CA LYS A 243 -17.10 14.70 7.50
C LYS A 243 -16.01 13.64 7.47
N ALA A 244 -14.82 14.01 7.03
CA ALA A 244 -13.77 13.02 6.84
C ALA A 244 -12.41 13.61 7.19
N TRP A 245 -11.65 12.87 7.98
CA TRP A 245 -10.36 13.32 8.49
C TRP A 245 -9.28 12.32 8.13
N VAL A 246 -8.04 12.82 8.03
CA VAL A 246 -6.80 12.06 7.87
C VAL A 246 -6.87 11.11 6.68
N PRO A 247 -6.66 11.59 5.45
CA PRO A 247 -6.71 10.72 4.28
C PRO A 247 -5.57 9.71 4.27
N ARG A 248 -5.70 8.74 3.37
CA ARG A 248 -4.96 7.49 3.44
C ARG A 248 -4.77 6.98 2.02
N PRO A 249 -3.65 6.30 1.72
CA PRO A 249 -3.47 5.74 0.39
C PRO A 249 -4.49 4.66 0.09
N PRO A 250 -4.91 4.51 -1.16
CA PRO A 250 -5.90 3.49 -1.48
C PRO A 250 -5.31 2.10 -1.49
N ARG A 251 -6.18 1.12 -1.26
CA ARG A 251 -5.78 -0.26 -1.10
C ARG A 251 -5.35 -0.86 -2.44
N LEU A 252 -4.22 -1.55 -2.45
CA LEU A 252 -3.66 -2.14 -3.67
C LEU A 252 -3.93 -3.64 -3.76
N CYS A 253 -3.50 -4.40 -2.76
CA CYS A 253 -3.73 -5.84 -2.77
C CYS A 253 -5.20 -6.13 -2.46
N GLN A 254 -5.67 -7.29 -2.93
CA GLN A 254 -7.08 -7.62 -2.80
C GLN A 254 -7.44 -7.93 -1.37
N TYR A 255 -8.70 -7.70 -1.02
CA TYR A 255 -9.18 -7.99 0.32
C TYR A 255 -9.32 -9.50 0.49
N GLU A 256 -8.97 -9.99 1.66
CA GLU A 256 -9.04 -11.42 1.91
C GLU A 256 -10.05 -11.77 2.99
N LYS A 257 -9.98 -11.13 4.15
CA LYS A 257 -10.86 -11.43 5.26
C LYS A 257 -11.64 -10.19 5.66
N GLN A 258 -12.68 -10.42 6.45
CA GLN A 258 -13.57 -9.37 6.93
C GLN A 258 -13.04 -8.68 8.17
N LYS A 259 -12.51 -9.44 9.12
CA LYS A 259 -12.17 -8.90 10.42
C LYS A 259 -10.88 -8.09 10.43
N ASN A 260 -10.04 -8.17 9.41
CA ASN A 260 -8.71 -7.59 9.51
C ASN A 260 -8.23 -7.17 8.12
N VAL A 261 -6.96 -6.79 8.02
CA VAL A 261 -6.41 -6.24 6.80
C VAL A 261 -5.41 -7.20 6.17
N ASN A 262 -5.63 -8.50 6.38
CA ASN A 262 -4.71 -9.51 5.89
C ASN A 262 -4.72 -9.55 4.37
N PHE A 263 -3.56 -9.85 3.79
CA PHE A 263 -3.37 -9.71 2.36
C PHE A 263 -2.24 -10.61 1.92
N SER A 264 -2.00 -10.64 0.61
CA SER A 264 -0.89 -11.34 0.01
C SER A 264 -0.19 -10.39 -0.95
N PRO A 265 1.14 -10.43 -1.04
CA PRO A 265 1.86 -9.38 -1.76
C PRO A 265 1.69 -9.48 -3.27
N ILE A 266 1.60 -8.30 -3.90
CA ILE A 266 1.38 -8.18 -5.33
C ILE A 266 2.32 -7.08 -5.80
N GLY A 267 2.65 -7.09 -7.10
CA GLY A 267 3.48 -6.05 -7.66
C GLY A 267 2.80 -4.69 -7.62
N VAL A 268 3.61 -3.64 -7.77
CA VAL A 268 3.09 -2.29 -7.60
C VAL A 268 2.22 -1.89 -8.78
N THR A 269 2.66 -2.17 -10.01
CA THR A 269 1.88 -1.90 -11.20
C THR A 269 1.90 -3.14 -12.09
N THR A 270 1.20 -3.05 -13.21
CA THR A 270 1.49 -3.98 -14.29
C THR A 270 2.74 -3.50 -15.02
N SER A 271 3.28 -4.35 -15.85
CA SER A 271 4.61 -4.12 -16.40
C SER A 271 4.58 -3.84 -17.89
N ARG A 272 5.46 -2.94 -18.31
CA ARG A 272 5.76 -2.75 -19.71
C ARG A 272 7.05 -3.48 -20.02
N THR A 273 7.51 -3.36 -21.27
CA THR A 273 8.63 -4.17 -21.72
C THR A 273 9.96 -3.44 -21.70
N ASP A 274 9.97 -2.14 -21.45
CA ASP A 274 11.20 -1.36 -21.46
C ASP A 274 10.98 -0.12 -20.61
N ILE A 275 12.02 0.69 -20.46
CA ILE A 275 11.84 1.97 -19.80
C ILE A 275 11.48 3.07 -20.80
N ILE A 276 11.76 2.88 -22.09
CA ILE A 276 11.42 3.86 -23.10
C ILE A 276 10.23 3.45 -23.95
N THR A 277 9.65 2.27 -23.72
CA THR A 277 8.50 1.82 -24.50
C THR A 277 7.27 2.59 -24.07
N THR A 278 6.67 3.32 -24.99
CA THR A 278 5.47 4.07 -24.73
C THR A 278 4.25 3.16 -24.66
N SER B 10 20.86 32.10 7.17
CA SER B 10 20.96 30.76 6.62
C SER B 10 19.75 29.93 7.01
N ASP B 11 19.18 29.23 6.04
CA ASP B 11 18.03 28.36 6.27
C ASP B 11 18.45 26.92 6.51
N ARG B 12 19.70 26.70 6.91
CA ARG B 12 20.23 25.36 7.05
C ARG B 12 20.63 24.99 8.47
N VAL B 13 20.32 25.82 9.46
CA VAL B 13 20.65 25.53 10.85
C VAL B 13 19.39 25.63 11.70
N ARG B 14 19.20 24.66 12.58
CA ARG B 14 18.13 24.70 13.56
C ARG B 14 18.74 24.65 14.95
N SER B 15 17.88 24.81 15.95
CA SER B 15 18.25 24.59 17.34
C SER B 15 16.95 24.36 18.10
N ILE B 16 16.69 23.13 18.51
CA ILE B 16 15.48 22.76 19.21
C ILE B 16 15.81 22.57 20.68
N THR B 17 14.97 23.10 21.56
CA THR B 17 15.21 23.03 22.99
C THR B 17 13.93 22.57 23.67
N LEU B 18 14.02 21.46 24.40
CA LEU B 18 12.90 20.93 25.15
C LEU B 18 13.41 20.40 26.47
N GLY B 19 12.93 20.96 27.57
CA GLY B 19 13.32 20.47 28.88
C GLY B 19 14.75 20.77 29.19
N ASN B 20 15.54 19.73 29.47
CA ASN B 20 16.96 19.89 29.76
C ASN B 20 17.82 19.30 28.64
N SER B 21 17.36 19.40 27.40
CA SER B 21 18.07 18.80 26.28
C SER B 21 17.98 19.74 25.08
N THR B 22 18.88 19.53 24.12
CA THR B 22 18.99 20.44 22.98
C THR B 22 19.53 19.65 21.78
N ILE B 23 18.90 19.84 20.62
CA ILE B 23 19.34 19.24 19.37
C ILE B 23 19.87 20.33 18.47
N THR B 24 21.12 20.21 18.04
CA THR B 24 21.73 21.13 17.10
C THR B 24 21.81 20.47 15.73
N THR B 25 21.65 21.26 14.68
CA THR B 25 21.70 20.75 13.32
C THR B 25 22.39 21.79 12.45
N GLN B 26 23.24 21.36 11.53
CA GLN B 26 23.91 22.28 10.65
C GLN B 26 23.68 22.02 9.18
N GLU B 27 22.90 21.01 8.82
CA GLU B 27 22.56 20.78 7.41
C GLU B 27 21.18 20.12 7.38
N CYS B 28 20.15 20.93 7.27
CA CYS B 28 18.79 20.43 7.41
C CYS B 28 17.92 20.95 6.28
N ALA B 29 16.75 20.36 6.16
CA ALA B 29 15.66 20.92 5.38
C ALA B 29 14.78 21.75 6.32
N ASN B 30 13.55 22.05 5.90
CA ASN B 30 12.62 22.76 6.75
C ASN B 30 12.08 21.84 7.85
N VAL B 31 11.16 22.33 8.65
CA VAL B 31 10.51 21.54 9.68
C VAL B 31 9.05 21.34 9.30
N VAL B 32 8.63 20.09 9.18
CA VAL B 32 7.27 19.77 8.76
C VAL B 32 6.41 19.66 10.00
N VAL B 33 5.37 20.48 10.08
CA VAL B 33 4.50 20.55 11.24
C VAL B 33 3.21 19.85 10.87
N GLY B 34 3.10 18.58 11.27
CA GLY B 34 1.88 17.78 11.32
C GLY B 34 0.91 17.89 10.17
N TYR B 35 -0.32 18.28 10.47
CA TYR B 35 -1.28 18.69 9.46
C TYR B 35 -1.58 20.17 9.59
N GLY B 36 -0.54 20.97 9.83
CA GLY B 36 -0.70 22.38 10.10
C GLY B 36 -0.98 22.73 11.54
N VAL B 37 -1.00 21.76 12.43
CA VAL B 37 -1.40 21.94 13.82
C VAL B 37 -0.19 21.72 14.72
N TRP B 38 0.00 22.61 15.68
CA TRP B 38 0.97 22.52 16.76
C TRP B 38 0.33 21.88 17.98
N PRO B 39 1.04 21.04 18.73
CA PRO B 39 0.42 20.33 19.86
C PRO B 39 0.12 21.26 21.03
N GLU B 40 -1.14 21.24 21.47
CA GLU B 40 -1.58 22.02 22.61
C GLU B 40 -2.29 21.10 23.60
N TYR B 41 -2.59 21.65 24.77
CA TYR B 41 -3.23 20.88 25.82
C TYR B 41 -4.72 20.71 25.52
N LEU B 42 -5.39 19.91 26.34
CA LEU B 42 -6.80 19.62 26.14
C LEU B 42 -7.63 20.77 26.66
N LYS B 43 -8.57 21.24 25.83
CA LYS B 43 -9.42 22.36 26.21
C LYS B 43 -10.53 21.89 27.15
N ASP B 44 -11.29 22.85 27.66
CA ASP B 44 -12.41 22.52 28.54
C ASP B 44 -13.69 22.20 27.79
N ASN B 45 -13.69 22.30 26.47
CA ASN B 45 -14.88 21.95 25.69
C ASN B 45 -14.93 20.47 25.40
N GLU B 46 -13.79 19.88 25.08
CA GLU B 46 -13.74 18.52 24.58
C GLU B 46 -13.35 17.49 25.63
N ALA B 47 -13.10 17.92 26.86
CA ALA B 47 -12.71 17.00 27.91
C ALA B 47 -13.91 16.21 28.39
N THR B 48 -13.70 14.92 28.66
CA THR B 48 -14.75 14.06 29.17
C THR B 48 -14.47 13.47 30.55
N ALA B 49 -13.22 13.42 30.98
CA ALA B 49 -12.91 12.93 32.32
C ALA B 49 -13.14 14.01 33.34
N GLU B 50 -13.37 13.61 34.58
CA GLU B 50 -13.75 14.52 35.64
C GLU B 50 -12.86 14.52 36.87
N ASP B 51 -11.56 14.62 36.69
CA ASP B 51 -10.63 14.81 37.77
C ASP B 51 -9.36 15.41 37.20
N GLN B 52 -8.58 16.04 38.05
CA GLN B 52 -7.50 16.90 37.58
C GLN B 52 -6.33 16.17 36.97
N PRO B 53 -5.89 16.53 35.77
CA PRO B 53 -4.82 15.79 35.12
C PRO B 53 -3.45 16.16 35.65
N THR B 54 -2.51 15.23 35.45
CA THR B 54 -1.13 15.45 35.83
C THR B 54 -0.36 15.95 34.63
N GLN B 55 0.33 17.08 34.79
CA GLN B 55 1.14 17.66 33.72
C GLN B 55 2.56 17.86 34.25
N PRO B 56 3.47 16.94 34.00
CA PRO B 56 4.83 17.07 34.56
C PRO B 56 5.68 18.08 33.81
N ASP B 57 5.66 17.99 32.48
CA ASP B 57 6.05 18.95 31.43
C ASP B 57 7.51 19.37 31.38
N VAL B 58 8.36 18.92 32.29
CA VAL B 58 9.80 19.06 32.12
C VAL B 58 10.39 17.68 32.36
N ALA B 59 9.66 16.86 33.12
CA ALA B 59 10.12 15.50 33.38
C ALA B 59 9.92 14.60 32.17
N THR B 60 8.88 14.84 31.39
CA THR B 60 8.60 14.01 30.23
C THR B 60 8.91 14.66 28.90
N CYS B 61 8.62 15.95 28.72
CA CYS B 61 8.83 16.60 27.44
C CYS B 61 10.30 16.92 27.25
N ARG B 62 11.07 15.92 26.83
CA ARG B 62 12.47 16.08 26.52
C ARG B 62 12.88 15.00 25.54
N PHE B 63 14.10 15.10 25.03
CA PHE B 63 14.51 14.31 23.86
C PHE B 63 15.06 12.94 24.27
N TYR B 64 14.22 11.92 24.23
CA TYR B 64 14.66 10.55 24.47
C TYR B 64 15.26 9.98 23.19
N THR B 65 16.49 9.50 23.26
CA THR B 65 17.21 9.00 22.09
C THR B 65 17.11 7.48 22.03
N LEU B 66 16.51 6.96 20.96
CA LEU B 66 16.33 5.52 20.81
C LEU B 66 17.62 4.88 20.34
N GLU B 67 17.57 3.60 19.99
CA GLU B 67 18.78 2.89 19.64
C GLU B 67 19.13 3.09 18.16
N SER B 68 20.36 2.73 17.82
CA SER B 68 20.89 2.95 16.49
C SER B 68 20.76 1.69 15.65
N VAL B 69 20.57 1.88 14.34
CA VAL B 69 20.50 0.79 13.39
C VAL B 69 21.45 1.08 12.25
N GLN B 70 21.97 0.03 11.65
CA GLN B 70 22.95 0.17 10.57
C GLN B 70 22.23 0.18 9.23
N TRP B 71 22.63 1.08 8.35
CA TRP B 71 22.11 1.14 6.99
C TRP B 71 23.07 0.34 6.11
N MET B 72 22.70 -0.89 5.78
CA MET B 72 23.54 -1.75 4.97
C MET B 72 23.26 -1.50 3.50
N LYS B 73 24.05 -2.13 2.63
CA LYS B 73 24.03 -1.77 1.23
C LYS B 73 22.78 -2.27 0.52
N ASN B 74 22.20 -3.37 0.98
CA ASN B 74 20.91 -3.84 0.47
C ASN B 74 19.99 -4.12 1.65
N SER B 75 19.38 -3.06 2.18
CA SER B 75 18.52 -3.13 3.34
C SER B 75 17.10 -2.82 2.92
N ALA B 76 16.18 -2.91 3.87
CA ALA B 76 14.76 -2.86 3.54
C ALA B 76 14.00 -1.73 4.21
N GLY B 77 14.12 -1.55 5.51
CA GLY B 77 13.31 -0.58 6.21
C GLY B 77 13.23 -0.91 7.68
N TRP B 78 12.62 0.01 8.43
CA TRP B 78 12.50 -0.11 9.88
C TRP B 78 11.20 0.54 10.34
N TRP B 79 10.67 0.14 11.50
CA TRP B 79 9.53 0.80 12.12
C TRP B 79 9.54 0.62 13.63
N TRP B 80 9.25 1.72 14.33
CA TRP B 80 9.28 1.73 15.78
C TRP B 80 8.01 1.67 16.65
N LYS B 81 6.81 1.80 16.08
CA LYS B 81 5.56 1.79 16.89
C LYS B 81 5.65 2.81 18.01
N LEU B 82 5.71 4.07 17.62
CA LEU B 82 6.02 5.21 18.49
C LEU B 82 5.26 5.48 19.79
N PRO B 83 3.97 5.18 19.86
CA PRO B 83 3.31 5.46 21.15
C PRO B 83 3.88 4.86 22.44
N ASP B 84 4.31 3.61 22.41
CA ASP B 84 5.00 2.96 23.53
C ASP B 84 6.52 2.50 23.28
N ALA B 85 7.08 3.25 22.35
CA ALA B 85 8.46 3.01 21.91
C ALA B 85 9.11 3.61 23.15
N LEU B 86 8.52 4.67 23.68
CA LEU B 86 8.98 5.28 24.90
C LEU B 86 8.76 4.65 26.37
N SER B 87 7.89 3.64 26.29
CA SER B 87 7.50 2.93 27.50
C SER B 87 8.51 2.52 28.55
N GLN B 88 9.77 2.35 28.17
CA GLN B 88 10.83 2.00 29.12
C GLN B 88 11.87 3.11 29.20
N MET B 89 11.45 4.35 28.97
CA MET B 89 12.37 5.48 28.92
C MET B 89 11.95 6.49 29.98
N GLY B 90 12.61 6.47 31.13
CA GLY B 90 12.57 7.61 32.02
C GLY B 90 11.25 7.77 32.75
N LEU B 91 10.86 9.01 32.95
CA LEU B 91 9.60 9.33 33.62
C LEU B 91 8.43 9.44 32.67
N PHE B 92 8.66 9.22 31.38
CA PHE B 92 7.54 8.99 30.48
C PHE B 92 7.00 7.58 30.63
N GLY B 93 7.87 6.63 30.92
CA GLY B 93 7.43 5.27 31.08
C GLY B 93 6.92 4.92 32.44
N GLN B 94 7.06 5.82 33.41
CA GLN B 94 6.53 5.60 34.75
C GLN B 94 5.21 6.30 34.99
N ASN B 95 4.89 7.34 34.23
CA ASN B 95 3.54 7.84 34.25
C ASN B 95 2.63 7.07 33.33
N MET B 96 3.18 6.35 32.35
CA MET B 96 2.39 5.56 31.43
C MET B 96 1.79 4.34 32.11
N GLN B 97 2.34 3.92 33.24
CA GLN B 97 1.90 2.74 33.98
C GLN B 97 0.97 3.06 35.13
N TYR B 98 1.27 4.09 35.91
CA TYR B 98 0.45 4.41 37.06
C TYR B 98 -0.84 5.11 36.69
N HIS B 99 -1.00 5.53 35.44
CA HIS B 99 -2.18 6.22 34.97
C HIS B 99 -2.94 5.34 33.98
N TYR B 100 -4.19 5.69 33.73
CA TYR B 100 -5.03 4.93 32.82
C TYR B 100 -5.16 5.59 31.46
N LEU B 101 -5.27 6.90 31.40
CA LEU B 101 -5.42 7.63 30.15
C LEU B 101 -4.14 8.36 29.83
N GLY B 102 -4.19 9.21 28.81
CA GLY B 102 -3.06 10.04 28.47
C GLY B 102 -2.99 10.45 27.02
N ARG B 103 -2.67 11.70 26.76
CA ARG B 103 -2.55 12.20 25.40
C ARG B 103 -1.20 12.89 25.25
N THR B 104 -0.65 12.85 24.04
CA THR B 104 0.69 13.37 23.76
C THR B 104 0.78 13.90 22.33
N GLY B 105 1.86 14.61 22.06
CA GLY B 105 2.31 14.85 20.70
C GLY B 105 3.82 14.78 20.70
N TYR B 106 4.39 14.50 19.53
CA TYR B 106 5.81 14.16 19.48
C TYR B 106 6.59 15.16 18.63
N THR B 107 7.92 14.99 18.62
CA THR B 107 8.83 15.76 17.77
C THR B 107 9.95 14.82 17.33
N ILE B 108 9.75 14.16 16.20
CA ILE B 108 10.63 13.09 15.77
C ILE B 108 11.78 13.67 14.97
N HIS B 109 13.01 13.26 15.28
CA HIS B 109 14.20 13.83 14.64
C HIS B 109 15.13 12.69 14.24
N VAL B 110 14.95 12.17 13.03
CA VAL B 110 15.81 11.12 12.50
C VAL B 110 17.09 11.74 11.97
N GLN B 111 18.24 11.19 12.36
CA GLN B 111 19.52 11.77 12.01
C GLN B 111 20.45 10.70 11.46
N CYS B 112 21.00 10.95 10.28
CA CYS B 112 21.90 10.01 9.61
C CYS B 112 22.83 10.82 8.73
N ASN B 113 24.14 10.68 8.93
CA ASN B 113 25.10 11.51 8.22
C ASN B 113 26.03 10.63 7.40
N ALA B 114 26.53 11.20 6.31
CA ALA B 114 27.52 10.55 5.48
C ALA B 114 28.34 11.63 4.80
N SER B 115 29.38 11.21 4.11
CA SER B 115 30.35 12.15 3.52
C SER B 115 29.80 12.70 2.21
N LYS B 116 30.68 13.32 1.43
CA LYS B 116 30.32 13.82 0.13
C LYS B 116 30.60 12.82 -0.98
N PHE B 117 30.93 11.58 -0.64
CA PHE B 117 31.22 10.57 -1.63
C PHE B 117 30.23 9.42 -1.58
N HIS B 118 29.27 9.45 -0.65
CA HIS B 118 28.24 8.45 -0.50
C HIS B 118 26.96 8.92 -1.19
N GLN B 119 26.01 8.00 -1.34
CA GLN B 119 24.75 8.34 -2.00
C GLN B 119 23.64 7.46 -1.47
N GLY B 120 22.46 8.05 -1.33
CA GLY B 120 21.32 7.32 -0.81
C GLY B 120 20.16 8.27 -0.59
N CYS B 121 19.05 7.69 -0.13
CA CYS B 121 17.83 8.46 0.08
C CYS B 121 16.88 7.68 0.98
N LEU B 122 16.43 8.29 2.07
CA LEU B 122 15.47 7.69 2.98
C LEU B 122 14.16 8.45 2.92
N LEU B 123 13.08 7.79 3.30
CA LEU B 123 11.76 8.39 3.41
C LEU B 123 11.31 8.26 4.85
N VAL B 124 11.08 9.36 5.52
CA VAL B 124 10.76 9.37 6.95
C VAL B 124 9.29 9.77 7.07
N VAL B 125 8.38 8.82 7.22
CA VAL B 125 6.96 9.12 7.34
C VAL B 125 6.55 8.98 8.78
N CYS B 126 5.30 9.32 9.06
CA CYS B 126 4.71 9.14 10.38
C CYS B 126 3.25 8.75 10.18
N VAL B 127 2.97 7.45 10.21
CA VAL B 127 1.72 6.88 9.73
C VAL B 127 0.77 6.72 10.92
N PRO B 128 -0.31 7.48 11.01
CA PRO B 128 -1.27 7.22 12.10
C PRO B 128 -2.16 6.04 11.78
N GLU B 129 -2.37 5.21 12.81
CA GLU B 129 -3.24 4.02 12.77
C GLU B 129 -2.80 3.04 11.68
N ALA B 130 -1.54 2.65 11.74
CA ALA B 130 -1.00 1.74 10.74
C ALA B 130 -1.28 0.33 11.21
N GLU B 131 -2.38 -0.24 10.75
CA GLU B 131 -2.73 -1.61 11.10
C GLU B 131 -1.98 -2.56 10.18
N MET B 132 -1.23 -3.48 10.76
CA MET B 132 -0.34 -4.36 10.02
C MET B 132 -1.04 -5.67 9.69
N GLY B 133 -0.62 -6.31 8.61
CA GLY B 133 -1.21 -7.56 8.17
C GLY B 133 -0.36 -8.76 8.53
N CYS B 134 -1.02 -9.90 8.73
CA CYS B 134 -0.30 -11.09 9.13
C CYS B 134 0.13 -11.90 7.92
N SER B 135 1.04 -12.84 8.15
CA SER B 135 1.53 -13.65 7.05
C SER B 135 0.56 -14.78 6.74
N ASN B 136 0.15 -15.53 7.75
CA ASN B 136 -0.95 -16.46 7.61
C ASN B 136 -2.24 -15.67 7.57
N LEU B 137 -3.13 -16.03 6.65
CA LEU B 137 -4.29 -15.18 6.38
C LEU B 137 -5.33 -15.24 7.49
N ASN B 138 -5.40 -16.32 8.25
CA ASN B 138 -6.45 -16.47 9.24
C ASN B 138 -6.15 -15.75 10.55
N ASN B 139 -4.88 -15.57 10.89
CA ASN B 139 -4.51 -15.07 12.19
C ASN B 139 -4.19 -13.58 12.14
N THR B 140 -3.93 -13.02 13.30
CA THR B 140 -3.44 -11.68 13.52
C THR B 140 -2.08 -11.77 14.19
N PRO B 141 -1.16 -10.85 13.90
CA PRO B 141 0.21 -10.99 14.43
C PRO B 141 0.27 -10.78 15.92
N GLU B 142 1.22 -11.48 16.56
CA GLU B 142 1.36 -11.38 18.00
C GLU B 142 2.01 -10.05 18.38
N PHE B 143 2.14 -9.80 19.68
CA PHE B 143 2.64 -8.50 20.10
C PHE B 143 4.14 -8.36 19.84
N SER B 144 4.89 -9.45 19.99
CA SER B 144 6.34 -9.38 19.86
C SER B 144 6.80 -9.14 18.43
N GLU B 145 5.94 -9.38 17.45
CA GLU B 145 6.29 -9.14 16.06
C GLU B 145 5.85 -7.79 15.56
N LEU B 146 4.91 -7.14 16.26
CA LEU B 146 4.44 -5.83 15.81
C LEU B 146 5.39 -4.73 16.22
N SER B 147 5.73 -4.65 17.50
CA SER B 147 6.53 -3.57 18.01
C SER B 147 7.57 -4.11 18.98
N GLY B 148 8.80 -3.65 18.80
CA GLY B 148 9.86 -3.91 19.76
C GLY B 148 10.02 -2.69 20.63
N GLY B 149 10.32 -2.90 21.90
CA GLY B 149 10.56 -1.79 22.80
C GLY B 149 11.88 -1.13 22.46
N ASP B 150 11.79 0.08 21.87
CA ASP B 150 12.86 0.92 21.29
C ASP B 150 13.93 0.14 20.54
N SER B 151 13.51 -0.86 19.77
CA SER B 151 14.36 -1.58 18.83
C SER B 151 13.61 -1.69 17.52
N ALA B 152 14.31 -1.41 16.43
CA ALA B 152 13.66 -1.34 15.13
C ALA B 152 13.26 -2.71 14.65
N ARG B 153 12.09 -2.79 14.03
CA ARG B 153 11.64 -4.02 13.40
C ARG B 153 11.81 -3.89 11.90
N MET B 154 12.48 -4.85 11.28
CA MET B 154 12.91 -4.72 9.91
C MET B 154 11.85 -5.20 8.93
N PHE B 155 11.79 -4.54 7.78
CA PHE B 155 11.08 -5.07 6.62
C PHE B 155 11.96 -6.11 5.92
N THR B 156 11.45 -6.73 4.86
CA THR B 156 12.21 -7.72 4.11
C THR B 156 11.94 -7.54 2.62
N ASP B 157 13.00 -7.62 1.82
CA ASP B 157 12.85 -7.49 0.38
C ASP B 157 12.34 -8.75 -0.30
N THR B 158 12.23 -9.87 0.41
CA THR B 158 11.43 -10.99 -0.02
C THR B 158 10.14 -10.99 0.77
N GLN B 159 9.29 -11.99 0.57
CA GLN B 159 8.03 -12.03 1.27
C GLN B 159 7.98 -13.20 2.24
N VAL B 160 7.18 -13.05 3.29
CA VAL B 160 7.08 -14.04 4.35
C VAL B 160 6.02 -15.05 3.97
N GLY B 161 6.36 -16.34 4.08
CA GLY B 161 5.44 -17.38 3.65
C GLY B 161 4.36 -17.66 4.65
N GLU B 162 3.37 -18.42 4.20
CA GLU B 162 2.19 -18.68 5.01
C GLU B 162 2.36 -19.81 6.00
N SER B 163 3.52 -20.46 6.03
CA SER B 163 3.75 -21.49 7.03
C SER B 163 3.96 -20.89 8.41
N ASN B 164 4.46 -19.64 8.46
CA ASN B 164 4.58 -18.94 9.73
C ASN B 164 3.19 -18.54 10.22
N ALA B 165 2.88 -18.92 11.46
CA ALA B 165 1.52 -18.76 11.95
C ALA B 165 1.21 -17.30 12.29
N LYS B 166 1.97 -16.72 13.20
CA LYS B 166 1.71 -15.36 13.67
C LYS B 166 2.95 -14.51 13.44
N LYS B 167 3.06 -13.96 12.25
CA LYS B 167 4.17 -13.07 11.89
C LYS B 167 3.66 -12.00 10.95
N VAL B 168 4.27 -10.83 11.02
CA VAL B 168 3.84 -9.70 10.19
C VAL B 168 4.31 -9.93 8.77
N GLN B 169 3.43 -9.72 7.80
CA GLN B 169 3.84 -9.74 6.40
C GLN B 169 4.69 -8.52 6.12
N THR B 170 5.96 -8.74 5.80
CA THR B 170 6.92 -7.65 5.72
C THR B 170 7.56 -7.52 4.35
N ALA B 171 6.76 -7.46 3.29
CA ALA B 171 7.27 -7.04 1.99
C ALA B 171 7.31 -5.53 1.94
N VAL B 172 8.41 -4.97 1.44
CA VAL B 172 8.59 -3.52 1.52
C VAL B 172 7.71 -2.82 0.51
N TRP B 173 7.53 -3.40 -0.67
CA TRP B 173 6.79 -2.74 -1.74
C TRP B 173 5.29 -2.70 -1.50
N ASN B 174 4.80 -3.26 -0.39
CA ASN B 174 3.43 -3.07 0.04
C ASN B 174 3.35 -2.43 1.42
N ALA B 175 4.49 -2.14 2.06
CA ALA B 175 4.63 -1.46 3.34
C ALA B 175 3.93 -2.18 4.49
N GLY B 176 3.59 -3.46 4.33
CA GLY B 176 2.98 -4.22 5.40
C GLY B 176 1.52 -3.94 5.68
N MET B 177 0.93 -2.92 5.05
CA MET B 177 -0.46 -2.57 5.29
C MET B 177 -1.37 -2.92 4.13
N GLY B 178 -0.83 -3.14 2.95
CA GLY B 178 -1.62 -3.46 1.80
C GLY B 178 -1.67 -2.38 0.74
N VAL B 179 -1.13 -1.20 1.01
CA VAL B 179 -1.16 -0.10 0.07
C VAL B 179 0.16 -0.10 -0.69
N GLY B 180 0.23 0.67 -1.77
CA GLY B 180 1.48 0.85 -2.46
C GLY B 180 2.44 1.69 -1.63
N VAL B 181 3.74 1.39 -1.76
CA VAL B 181 4.71 2.08 -0.93
C VAL B 181 5.04 3.46 -1.48
N GLY B 182 4.74 3.71 -2.76
CA GLY B 182 4.98 5.04 -3.27
C GLY B 182 3.97 6.07 -2.84
N ASN B 183 2.78 5.64 -2.45
CA ASN B 183 1.72 6.55 -2.03
C ASN B 183 1.79 6.92 -0.57
N LEU B 184 2.86 6.56 0.13
CA LEU B 184 2.98 6.93 1.53
C LEU B 184 3.35 8.38 1.74
N THR B 185 3.52 9.16 0.67
CA THR B 185 3.84 10.57 0.79
C THR B 185 2.62 11.44 1.02
N ILE B 186 1.47 10.88 1.36
CA ILE B 186 0.33 11.69 1.76
C ILE B 186 0.35 11.95 3.26
N PHE B 187 0.94 11.06 4.05
CA PHE B 187 1.20 11.32 5.45
C PHE B 187 2.32 12.36 5.56
N PRO B 188 2.43 13.05 6.71
CA PRO B 188 3.51 14.02 6.85
C PRO B 188 4.87 13.34 6.85
N HIS B 189 5.77 13.85 6.02
CA HIS B 189 6.96 13.11 5.68
C HIS B 189 8.09 14.05 5.31
N GLN B 190 9.31 13.51 5.30
CA GLN B 190 10.50 14.22 4.85
C GLN B 190 11.48 13.21 4.30
N TRP B 191 12.35 13.66 3.41
CA TRP B 191 13.37 12.80 2.82
C TRP B 191 14.73 13.16 3.40
N ILE B 192 15.58 12.15 3.56
CA ILE B 192 16.97 12.39 3.92
C ILE B 192 17.82 12.01 2.73
N ASN B 193 18.07 12.99 1.85
CA ASN B 193 18.91 12.78 0.70
C ASN B 193 20.34 13.08 1.11
N LEU B 194 21.24 12.11 0.96
CA LEU B 194 22.60 12.28 1.44
C LEU B 194 23.40 13.26 0.61
N ARG B 195 22.87 13.70 -0.52
CA ARG B 195 23.49 14.77 -1.29
C ARG B 195 23.33 16.11 -0.58
N THR B 196 22.14 16.41 -0.06
CA THR B 196 21.84 17.72 0.51
C THR B 196 21.47 17.71 1.99
N ASN B 197 20.88 16.64 2.50
CA ASN B 197 20.23 16.62 3.80
C ASN B 197 21.04 15.79 4.79
N ASN B 198 20.81 16.04 6.06
CA ASN B 198 21.39 15.24 7.13
C ASN B 198 20.40 14.79 8.18
N SER B 199 19.22 15.39 8.27
CA SER B 199 18.24 15.03 9.28
C SER B 199 16.86 15.42 8.82
N ALA B 200 15.86 14.94 9.54
CA ALA B 200 14.46 15.17 9.20
C ALA B 200 13.67 15.37 10.48
N THR B 201 12.94 16.48 10.57
CA THR B 201 12.18 16.81 11.77
C THR B 201 10.69 16.77 11.44
N LEU B 202 9.89 16.24 12.36
CA LEU B 202 8.45 16.18 12.20
C LEU B 202 7.79 16.45 13.53
N VAL B 203 6.82 17.35 13.57
CA VAL B 203 6.12 17.70 14.79
C VAL B 203 4.68 17.25 14.64
N MET B 204 4.29 16.23 15.39
CA MET B 204 2.99 15.61 15.17
C MET B 204 2.03 15.94 16.30
N PRO B 205 0.80 16.35 15.99
CA PRO B 205 -0.18 16.56 17.05
C PRO B 205 -0.84 15.27 17.47
N TYR B 206 -1.85 15.36 18.33
CA TYR B 206 -2.56 14.18 18.81
C TYR B 206 -3.69 13.88 17.85
N ILE B 207 -3.54 12.81 17.07
CA ILE B 207 -4.52 12.43 16.06
C ILE B 207 -5.21 11.16 16.54
N ASN B 208 -6.46 11.30 16.96
CA ASN B 208 -7.26 10.18 17.48
C ASN B 208 -8.71 10.60 17.48
N SER B 209 -9.61 9.63 17.60
CA SER B 209 -11.03 9.87 17.53
C SER B 209 -11.68 10.03 18.89
N VAL B 210 -10.93 9.89 19.97
CA VAL B 210 -11.41 10.09 21.34
C VAL B 210 -10.48 11.10 21.98
N PRO B 211 -10.93 11.89 22.97
CA PRO B 211 -10.06 12.95 23.50
C PRO B 211 -8.88 12.44 24.31
N MET B 212 -8.96 11.25 24.88
CA MET B 212 -7.85 10.66 25.62
C MET B 212 -7.93 9.17 25.46
N ASP B 213 -6.80 8.51 25.26
CA ASP B 213 -6.83 7.06 25.04
C ASP B 213 -5.78 6.39 25.90
N ASN B 214 -5.96 5.09 26.13
CA ASN B 214 -5.04 4.31 26.94
C ASN B 214 -3.72 4.14 26.21
N MET B 215 -2.62 4.13 26.95
CA MET B 215 -1.31 4.18 26.33
C MET B 215 -0.70 2.82 26.04
N PHE B 216 -1.24 1.74 26.61
CA PHE B 216 -0.66 0.42 26.42
C PHE B 216 -1.41 -0.46 25.45
N ARG B 217 -2.68 -0.20 25.19
CA ARG B 217 -3.43 -1.04 24.27
C ARG B 217 -3.49 -0.47 22.87
N HIS B 218 -3.06 0.77 22.65
CA HIS B 218 -3.29 1.47 21.38
C HIS B 218 -2.06 2.24 20.99
N ASN B 219 -1.43 1.87 19.87
CA ASN B 219 -0.28 2.57 19.32
C ASN B 219 -0.79 3.48 18.20
N ASN B 220 -0.93 4.76 18.49
CA ASN B 220 -1.64 5.67 17.61
C ASN B 220 -0.79 6.32 16.53
N LEU B 221 0.46 5.87 16.35
CA LEU B 221 1.27 6.33 15.22
C LEU B 221 1.98 5.12 14.64
N THR B 222 2.96 5.39 13.77
CA THR B 222 3.99 4.44 13.31
C THR B 222 5.01 5.28 12.56
N LEU B 223 6.28 5.14 12.88
CA LEU B 223 7.34 5.85 12.17
C LEU B 223 8.09 4.87 11.29
N MET B 224 8.04 5.06 9.98
CA MET B 224 8.69 4.16 9.03
C MET B 224 9.80 4.88 8.30
N ILE B 225 10.95 4.23 8.19
CA ILE B 225 12.09 4.73 7.43
C ILE B 225 12.33 3.74 6.30
N ILE B 226 12.15 4.18 5.06
CA ILE B 226 12.25 3.27 3.92
C ILE B 226 13.27 3.80 2.92
N PRO B 227 14.37 3.10 2.65
CA PRO B 227 15.37 3.58 1.69
C PRO B 227 14.90 3.34 0.27
N PHE B 228 14.52 4.42 -0.42
CA PHE B 228 14.07 4.25 -1.80
C PHE B 228 15.24 4.07 -2.75
N VAL B 229 16.32 4.80 -2.53
CA VAL B 229 17.56 4.64 -3.29
C VAL B 229 18.60 4.07 -2.34
N PRO B 230 19.19 2.92 -2.63
CA PRO B 230 20.05 2.26 -1.64
C PRO B 230 21.40 2.94 -1.52
N LEU B 231 22.11 2.56 -0.47
CA LEU B 231 23.44 3.11 -0.21
C LEU B 231 24.42 2.61 -1.25
N ASN B 232 25.43 3.42 -1.53
CA ASN B 232 26.51 3.01 -2.41
C ASN B 232 27.73 3.86 -2.09
N TYR B 233 28.90 3.27 -2.24
CA TYR B 233 30.16 3.97 -2.05
C TYR B 233 31.25 3.18 -2.77
N SER B 234 32.28 3.88 -3.23
CA SER B 234 33.39 3.19 -3.83
C SER B 234 34.31 2.65 -2.75
N GLU B 235 35.29 1.84 -3.14
CA GLU B 235 36.07 1.07 -2.18
C GLU B 235 37.08 1.99 -1.49
N GLY B 236 36.88 2.20 -0.20
CA GLY B 236 37.77 3.05 0.55
C GLY B 236 37.02 3.92 1.53
N SER B 237 35.78 4.27 1.20
CA SER B 237 34.97 5.08 2.08
C SER B 237 34.50 4.25 3.26
N SER B 238 34.02 4.94 4.28
CA SER B 238 33.67 4.29 5.53
C SER B 238 32.39 3.48 5.37
N PRO B 239 32.40 2.18 5.61
CA PRO B 239 31.24 1.34 5.30
C PRO B 239 30.14 1.28 6.34
N TYR B 240 30.33 1.82 7.53
CA TYR B 240 29.35 1.74 8.60
C TYR B 240 28.63 3.08 8.70
N VAL B 241 27.41 3.13 8.21
CA VAL B 241 26.58 4.33 8.26
C VAL B 241 25.39 4.03 9.19
N PRO B 242 25.33 4.60 10.38
CA PRO B 242 24.22 4.33 11.28
C PRO B 242 23.13 5.38 11.22
N ILE B 243 21.96 5.01 11.75
CA ILE B 243 20.77 5.85 11.77
C ILE B 243 20.28 5.92 13.20
N THR B 244 20.03 7.13 13.70
CA THR B 244 19.56 7.32 15.07
C THR B 244 18.27 8.11 15.05
N VAL B 245 17.31 7.72 15.89
CA VAL B 245 16.03 8.40 16.03
C VAL B 245 15.98 9.02 17.42
N THR B 246 15.42 10.22 17.52
CA THR B 246 15.42 10.99 18.77
C THR B 246 14.02 11.58 18.97
N ILE B 247 13.18 10.92 19.75
CA ILE B 247 11.78 11.28 19.89
C ILE B 247 11.59 12.03 21.20
N ALA B 248 10.76 13.07 21.18
CA ALA B 248 10.47 13.86 22.36
C ALA B 248 8.97 14.10 22.47
N PRO B 249 8.33 13.73 23.57
CA PRO B 249 6.91 14.08 23.76
C PRO B 249 6.73 15.58 23.92
N MET B 250 5.53 16.04 23.62
CA MET B 250 5.22 17.47 23.70
C MET B 250 3.79 17.64 24.18
N CYS B 251 3.63 18.46 25.22
CA CYS B 251 2.34 18.76 25.85
C CYS B 251 1.64 17.50 26.32
N ALA B 252 2.32 16.77 27.21
CA ALA B 252 1.87 15.49 27.71
C ALA B 252 1.05 15.67 28.97
N GLU B 253 -0.09 14.97 29.03
CA GLU B 253 -0.88 14.96 30.25
C GLU B 253 -1.49 13.59 30.43
N TYR B 254 -1.72 13.22 31.69
CA TYR B 254 -2.23 11.91 32.05
C TYR B 254 -3.42 12.07 32.99
N ASN B 255 -4.13 10.98 33.23
CA ASN B 255 -5.36 11.06 33.98
C ASN B 255 -5.71 9.68 34.52
N GLY B 256 -6.41 9.66 35.66
CA GLY B 256 -6.89 8.41 36.19
C GLY B 256 -5.84 7.52 36.82
N LEU B 257 -5.34 7.92 37.99
CA LEU B 257 -4.26 7.19 38.65
C LEU B 257 -4.79 5.90 39.28
N ARG B 258 -3.94 4.88 39.30
CA ARG B 258 -4.25 3.59 39.93
C ARG B 258 -2.94 2.89 40.27
N LEU B 259 -3.01 1.58 40.50
CA LEU B 259 -1.82 0.80 40.81
C LEU B 259 -0.98 0.57 39.55
N ALA B 260 0.06 -0.25 39.69
CA ALA B 260 1.23 -0.14 38.84
C ALA B 260 1.07 -0.70 37.44
N SER B 261 0.27 -1.75 37.26
CA SER B 261 0.17 -2.54 36.02
C SER B 261 1.52 -3.04 35.51
N GLY C 1 -59.19 15.99 1.15
CA GLY C 1 -59.37 15.42 -0.17
C GLY C 1 -58.78 16.32 -1.24
N LEU C 2 -57.50 16.62 -1.13
CA LEU C 2 -56.82 17.41 -2.14
C LEU C 2 -56.57 16.54 -3.36
N PRO C 3 -56.88 16.99 -4.56
CA PRO C 3 -56.70 16.15 -5.75
C PRO C 3 -55.26 16.18 -6.26
N VAL C 4 -54.59 15.04 -6.20
CA VAL C 4 -53.25 14.91 -6.74
C VAL C 4 -53.28 13.97 -7.95
N MET C 5 -52.15 13.86 -8.62
CA MET C 5 -52.02 13.01 -9.80
C MET C 5 -50.59 12.54 -9.90
N THR C 6 -50.34 11.25 -9.72
CA THR C 6 -48.99 10.73 -9.60
C THR C 6 -48.33 10.62 -10.98
N THR C 7 -47.20 11.28 -11.15
CA THR C 7 -46.47 11.31 -12.42
C THR C 7 -45.68 10.03 -12.60
N PRO C 8 -45.08 9.81 -13.79
CA PRO C 8 -44.06 8.78 -13.90
C PRO C 8 -42.87 9.05 -12.99
N GLY C 9 -42.20 7.97 -12.61
CA GLY C 9 -41.17 8.05 -11.62
C GLY C 9 -41.60 7.70 -10.22
N SER C 10 -42.87 7.34 -10.03
CA SER C 10 -43.36 7.01 -8.71
C SER C 10 -42.89 5.62 -8.30
N THR C 11 -42.63 5.46 -7.00
CA THR C 11 -42.24 4.20 -6.37
C THR C 11 -41.02 3.54 -7.02
N GLN C 12 -40.04 4.35 -7.37
CA GLN C 12 -38.78 3.83 -7.90
C GLN C 12 -37.68 4.12 -6.90
N PHE C 13 -36.61 3.35 -7.02
CA PHE C 13 -35.44 3.49 -6.16
C PHE C 13 -34.28 3.83 -7.07
N LEU C 14 -33.96 5.11 -7.14
CA LEU C 14 -32.80 5.61 -7.86
C LEU C 14 -31.68 5.80 -6.86
N THR C 15 -30.48 5.33 -7.18
CA THR C 15 -29.45 5.29 -6.14
C THR C 15 -28.84 6.64 -5.86
N SER C 16 -28.98 7.62 -6.73
CA SER C 16 -28.41 8.93 -6.51
C SER C 16 -29.51 9.98 -6.31
N ASP C 17 -30.52 9.64 -5.51
CA ASP C 17 -31.62 10.54 -5.23
C ASP C 17 -31.30 11.44 -4.05
N ASP C 18 -32.20 12.39 -3.80
CA ASP C 18 -32.00 13.38 -2.72
C ASP C 18 -33.36 13.67 -2.11
N PHE C 19 -33.74 12.88 -1.11
CA PHE C 19 -35.05 13.00 -0.48
C PHE C 19 -34.88 12.98 1.03
N GLN C 20 -35.94 13.35 1.72
CA GLN C 20 -35.98 13.21 3.17
C GLN C 20 -36.61 11.86 3.52
N SER C 21 -36.46 11.48 4.79
CA SER C 21 -36.86 10.15 5.19
C SER C 21 -37.05 10.13 6.70
N PRO C 22 -38.03 9.40 7.22
CA PRO C 22 -38.32 9.48 8.64
C PRO C 22 -37.26 8.77 9.47
N SER C 23 -36.86 9.40 10.55
CA SER C 23 -35.74 8.90 11.34
C SER C 23 -36.15 7.69 12.15
N ALA C 24 -35.24 6.73 12.27
CA ALA C 24 -35.54 5.47 12.94
C ALA C 24 -35.32 5.53 14.44
N MET C 25 -34.67 6.58 14.94
CA MET C 25 -34.47 6.77 16.37
C MET C 25 -34.81 8.22 16.71
N PRO C 26 -36.02 8.48 17.17
CA PRO C 26 -36.44 9.87 17.38
C PRO C 26 -35.84 10.46 18.64
N GLN C 27 -35.48 11.75 18.54
CA GLN C 27 -34.86 12.54 19.60
C GLN C 27 -33.59 11.88 20.12
N PHE C 28 -32.72 11.51 19.20
CA PHE C 28 -31.41 11.02 19.55
C PHE C 28 -30.51 12.19 19.89
N ASP C 29 -29.44 11.89 20.62
CA ASP C 29 -28.42 12.88 20.97
C ASP C 29 -27.07 12.39 20.49
N VAL C 30 -26.50 13.08 19.48
CA VAL C 30 -25.22 12.65 18.96
C VAL C 30 -24.11 13.00 19.94
N THR C 31 -22.96 12.37 19.75
CA THR C 31 -21.78 12.68 20.53
C THR C 31 -21.12 13.94 19.98
N PRO C 32 -20.82 14.94 20.81
CA PRO C 32 -20.41 16.24 20.30
C PRO C 32 -19.07 16.21 19.58
N GLU C 33 -18.95 17.10 18.59
CA GLU C 33 -17.84 17.09 17.66
C GLU C 33 -16.53 17.49 18.34
N MET C 34 -15.43 17.13 17.71
CA MET C 34 -14.09 17.41 18.20
C MET C 34 -13.22 17.84 17.03
N GLN C 35 -12.21 18.63 17.32
CA GLN C 35 -11.30 19.14 16.30
C GLN C 35 -10.18 18.14 16.09
N ILE C 36 -10.40 17.19 15.19
CA ILE C 36 -9.38 16.21 14.80
C ILE C 36 -8.57 16.85 13.68
N PRO C 37 -7.24 16.81 13.73
CA PRO C 37 -6.45 17.47 12.69
C PRO C 37 -6.49 16.74 11.36
N GLY C 38 -6.45 17.50 10.29
CA GLY C 38 -6.30 16.92 8.98
C GLY C 38 -7.60 16.62 8.29
N ARG C 39 -8.46 17.62 8.14
CA ARG C 39 -9.78 17.41 7.58
C ARG C 39 -9.76 17.50 6.07
N VAL C 40 -10.36 16.54 5.40
CA VAL C 40 -10.52 16.56 3.95
C VAL C 40 -11.86 17.21 3.64
N ASN C 41 -11.83 18.32 2.92
CA ASN C 41 -13.05 18.99 2.49
C ASN C 41 -13.38 18.71 1.02
N ASN C 42 -12.46 18.13 0.27
CA ASN C 42 -12.55 17.98 -1.17
C ASN C 42 -11.53 16.94 -1.60
N LEU C 43 -11.87 16.17 -2.62
CA LEU C 43 -10.97 15.11 -3.07
C LEU C 43 -9.86 15.60 -3.97
N MET C 44 -9.81 16.88 -4.30
CA MET C 44 -8.68 17.40 -5.04
C MET C 44 -7.63 17.98 -4.12
N GLU C 45 -7.75 17.80 -2.82
CA GLU C 45 -6.62 18.03 -1.94
C GLU C 45 -5.74 16.79 -1.86
N ILE C 46 -6.31 15.62 -2.06
CA ILE C 46 -5.55 14.38 -2.07
C ILE C 46 -4.78 14.24 -3.37
N ALA C 47 -5.35 14.69 -4.48
CA ALA C 47 -4.69 14.60 -5.77
C ALA C 47 -3.86 15.82 -6.10
N GLU C 48 -3.36 16.55 -5.10
CA GLU C 48 -2.45 17.66 -5.32
C GLU C 48 -1.19 17.53 -4.47
N VAL C 49 -0.93 16.35 -3.93
CA VAL C 49 0.30 16.06 -3.21
C VAL C 49 1.17 15.20 -4.10
N ASP C 50 2.47 15.19 -3.83
CA ASP C 50 3.40 14.45 -4.67
C ASP C 50 3.38 12.98 -4.29
N SER C 51 3.45 12.11 -5.29
CA SER C 51 3.56 10.68 -5.05
C SER C 51 4.56 10.11 -6.03
N VAL C 52 5.33 9.13 -5.59
CA VAL C 52 6.43 8.62 -6.40
C VAL C 52 5.86 7.76 -7.53
N VAL C 53 6.46 7.89 -8.71
CA VAL C 53 5.92 7.30 -9.93
C VAL C 53 6.82 6.13 -10.34
N PRO C 54 6.27 4.94 -10.55
CA PRO C 54 7.10 3.82 -11.02
C PRO C 54 7.46 3.91 -12.49
N VAL C 55 8.52 4.65 -12.84
CA VAL C 55 8.90 4.81 -14.24
C VAL C 55 9.67 3.61 -14.77
N ASN C 56 10.01 2.66 -13.90
CA ASN C 56 10.97 1.63 -14.27
C ASN C 56 10.39 0.23 -14.10
N ASN C 57 9.25 -0.06 -14.69
CA ASN C 57 8.57 -1.34 -14.45
C ASN C 57 9.35 -2.56 -14.94
N THR C 58 9.44 -2.75 -16.24
CA THR C 58 10.19 -3.81 -16.93
C THR C 58 10.13 -5.22 -16.36
N GLU C 59 9.02 -5.60 -15.71
CA GLU C 59 8.61 -6.98 -15.41
C GLU C 59 9.47 -7.68 -14.35
N ASP C 60 10.61 -7.11 -13.98
CA ASP C 60 11.43 -7.65 -12.93
C ASP C 60 11.48 -6.77 -11.72
N ASN C 61 11.06 -5.51 -11.84
CA ASN C 61 11.20 -4.54 -10.77
C ASN C 61 9.88 -4.25 -10.08
N VAL C 62 8.75 -4.68 -10.64
CA VAL C 62 7.45 -4.33 -10.06
C VAL C 62 7.22 -5.02 -8.74
N SER C 63 7.86 -6.17 -8.51
CA SER C 63 7.92 -6.76 -7.19
C SER C 63 9.18 -6.34 -6.46
N SER C 64 9.46 -5.04 -6.40
CA SER C 64 10.59 -4.51 -5.65
C SER C 64 10.42 -3.01 -5.49
N LEU C 65 11.33 -2.42 -4.73
CA LEU C 65 11.52 -0.97 -4.65
C LEU C 65 12.38 -0.44 -5.78
N LYS C 66 12.86 -1.32 -6.66
CA LYS C 66 13.65 -0.92 -7.81
C LYS C 66 12.80 -0.26 -8.88
N ALA C 67 11.47 -0.41 -8.81
CA ALA C 67 10.59 0.13 -9.84
C ALA C 67 10.52 1.64 -9.82
N TYR C 68 10.87 2.28 -8.72
CA TYR C 68 10.77 3.72 -8.63
C TYR C 68 12.02 4.45 -9.10
N GLN C 69 13.15 3.78 -9.18
CA GLN C 69 14.42 4.42 -9.46
C GLN C 69 14.75 4.34 -10.94
N ILE C 70 15.08 5.48 -11.53
CA ILE C 70 15.49 5.57 -12.93
C ILE C 70 17.01 5.54 -12.97
N PRO C 71 17.61 4.60 -13.69
CA PRO C 71 19.07 4.50 -13.69
C PRO C 71 19.70 5.52 -14.62
N VAL C 72 20.75 6.18 -14.13
CA VAL C 72 21.49 7.18 -14.89
C VAL C 72 22.98 6.86 -14.75
N GLN C 73 23.66 6.64 -15.87
CA GLN C 73 25.07 6.30 -15.86
C GLN C 73 25.92 7.48 -16.29
N SER C 74 27.21 7.22 -16.45
CA SER C 74 28.14 8.12 -17.13
C SER C 74 28.47 7.51 -18.48
N ASN C 75 28.15 8.20 -19.55
CA ASN C 75 28.11 7.59 -20.87
C ASN C 75 29.42 7.78 -21.62
N SER C 76 29.39 7.43 -22.91
CA SER C 76 30.46 7.74 -23.85
C SER C 76 29.90 8.30 -25.16
N ASP C 77 28.62 8.63 -25.20
CA ASP C 77 28.00 9.30 -26.33
C ASP C 77 26.99 10.32 -25.79
N ASN C 78 26.40 11.09 -26.68
CA ASN C 78 25.53 12.18 -26.26
C ASN C 78 24.15 12.06 -26.89
N GLY C 79 23.15 12.53 -26.17
CA GLY C 79 21.79 12.50 -26.66
C GLY C 79 21.03 11.23 -26.38
N LYS C 80 21.45 10.44 -25.39
CA LYS C 80 20.76 9.20 -25.09
C LYS C 80 19.42 9.48 -24.40
N GLN C 81 18.56 8.47 -24.35
CA GLN C 81 17.23 8.63 -23.78
C GLN C 81 17.18 7.97 -22.41
N VAL C 82 16.65 8.70 -21.43
CA VAL C 82 16.60 8.16 -20.06
C VAL C 82 15.30 7.41 -19.85
N PHE C 83 14.16 8.03 -20.13
CA PHE C 83 12.89 7.30 -20.08
C PHE C 83 11.94 7.87 -21.11
N GLY C 84 10.69 7.42 -21.05
CA GLY C 84 9.63 7.89 -21.92
C GLY C 84 8.34 7.16 -21.65
N PHE C 85 7.22 7.87 -21.57
CA PHE C 85 5.92 7.24 -21.39
C PHE C 85 4.86 8.18 -21.93
N PRO C 86 3.73 7.68 -22.43
CA PRO C 86 2.67 8.56 -22.87
C PRO C 86 1.94 9.15 -21.68
N LEU C 87 1.37 10.33 -21.87
CA LEU C 87 0.72 11.05 -20.78
C LEU C 87 -0.76 10.67 -20.76
N GLN C 88 -1.05 9.52 -20.19
CA GLN C 88 -2.43 9.08 -19.97
C GLN C 88 -2.57 8.76 -18.49
N PRO C 89 -3.00 9.72 -17.67
CA PRO C 89 -3.03 9.50 -16.23
C PRO C 89 -4.19 8.65 -15.72
N GLY C 90 -4.89 7.93 -16.58
CA GLY C 90 -5.91 7.03 -16.08
C GLY C 90 -5.83 5.64 -16.67
N ALA C 91 -5.05 5.48 -17.74
CA ALA C 91 -5.05 4.21 -18.46
C ALA C 91 -3.63 3.70 -18.71
N ASN C 92 -2.64 4.57 -18.72
CA ASN C 92 -1.27 4.14 -18.87
C ASN C 92 -0.78 3.58 -17.56
N ASN C 93 -0.08 2.44 -17.60
CA ASN C 93 0.23 1.71 -16.37
C ASN C 93 1.33 2.35 -15.54
N VAL C 94 1.97 3.41 -16.02
CA VAL C 94 2.93 4.13 -15.20
C VAL C 94 2.21 4.96 -14.16
N LEU C 95 1.39 5.92 -14.62
CA LEU C 95 0.61 6.79 -13.75
C LEU C 95 -0.74 6.20 -13.39
N ASN C 96 -0.92 4.89 -13.55
CA ASN C 96 -2.19 4.25 -13.25
C ASN C 96 -2.46 4.14 -11.77
N ARG C 97 -1.42 3.97 -10.96
CA ARG C 97 -1.54 3.56 -9.59
C ARG C 97 -1.02 4.57 -8.58
N THR C 98 -0.61 5.75 -9.03
CA THR C 98 -0.13 6.78 -8.12
C THR C 98 -1.31 7.41 -7.38
N LEU C 99 -1.04 8.46 -6.62
CA LEU C 99 -2.10 9.10 -5.88
C LEU C 99 -3.00 9.96 -6.76
N LEU C 100 -2.54 10.28 -7.97
CA LEU C 100 -3.38 10.95 -8.94
C LEU C 100 -4.19 9.95 -9.76
N GLY C 101 -3.58 8.83 -10.14
CA GLY C 101 -4.30 7.84 -10.93
C GLY C 101 -5.28 6.99 -10.16
N GLU C 102 -5.14 6.87 -8.84
CA GLU C 102 -6.12 6.17 -8.03
C GLU C 102 -7.36 6.99 -7.76
N ILE C 103 -7.34 8.28 -8.07
CA ILE C 103 -8.49 9.16 -7.92
C ILE C 103 -9.16 9.44 -9.25
N LEU C 104 -8.37 9.59 -10.32
CA LEU C 104 -8.93 9.74 -11.65
C LEU C 104 -9.67 8.50 -12.11
N ASN C 105 -9.35 7.33 -11.58
CA ASN C 105 -10.05 6.12 -11.96
C ASN C 105 -11.36 5.94 -11.23
N TYR C 106 -11.76 6.89 -10.40
CA TYR C 106 -13.13 6.96 -9.92
C TYR C 106 -14.00 7.86 -10.77
N TYR C 107 -13.40 8.71 -11.60
CA TYR C 107 -14.12 9.67 -12.41
C TYR C 107 -13.91 9.33 -13.88
N THR C 108 -14.55 10.08 -14.77
CA THR C 108 -14.50 9.76 -16.19
C THR C 108 -13.82 10.83 -17.04
N HIS C 109 -14.03 12.09 -16.74
CA HIS C 109 -13.36 13.16 -17.46
C HIS C 109 -12.35 13.84 -16.56
N TRP C 110 -11.34 14.47 -17.16
CA TRP C 110 -10.37 15.23 -16.39
C TRP C 110 -9.86 16.38 -17.23
N SER C 111 -9.41 17.44 -16.56
CA SER C 111 -8.96 18.63 -17.26
C SER C 111 -8.02 19.43 -16.37
N GLY C 112 -6.84 19.73 -16.88
CA GLY C 112 -5.93 20.60 -16.16
C GLY C 112 -4.49 20.26 -16.47
N SER C 113 -3.60 20.97 -15.79
CA SER C 113 -2.17 20.77 -15.94
C SER C 113 -1.67 19.77 -14.91
N ILE C 114 -0.45 19.29 -15.12
CA ILE C 114 0.15 18.24 -14.29
C ILE C 114 1.61 18.59 -14.05
N LYS C 115 2.01 18.65 -12.79
CA LYS C 115 3.41 18.88 -12.44
C LYS C 115 4.15 17.55 -12.42
N LEU C 116 5.46 17.61 -12.63
CA LEU C 116 6.30 16.42 -12.59
C LEU C 116 7.64 16.80 -11.98
N THR C 117 7.86 16.43 -10.72
CA THR C 117 9.06 16.81 -9.98
C THR C 117 10.06 15.67 -10.00
N PHE C 118 11.26 15.93 -10.51
CA PHE C 118 12.34 14.97 -10.50
C PHE C 118 13.33 15.34 -9.42
N MET C 119 14.00 14.33 -8.84
CA MET C 119 14.97 14.58 -7.78
C MET C 119 16.19 13.71 -8.00
N PHE C 120 17.35 14.34 -8.15
CA PHE C 120 18.61 13.62 -8.37
C PHE C 120 19.08 13.02 -7.07
N CYS C 121 18.91 11.71 -6.92
CA CYS C 121 19.32 11.00 -5.71
C CYS C 121 20.71 10.39 -5.85
N GLY C 122 21.70 11.19 -6.25
CA GLY C 122 23.02 10.70 -6.53
C GLY C 122 24.04 11.17 -5.53
N SER C 123 25.31 11.16 -5.96
CA SER C 123 26.39 11.58 -5.10
C SER C 123 26.41 13.09 -4.99
N ALA C 124 27.28 13.60 -4.13
CA ALA C 124 27.36 15.04 -3.92
C ALA C 124 28.38 15.71 -4.82
N MET C 125 29.17 14.95 -5.56
CA MET C 125 30.16 15.50 -6.49
C MET C 125 29.83 15.21 -7.94
N ALA C 126 28.70 14.58 -8.21
CA ALA C 126 28.27 14.30 -9.57
C ALA C 126 27.52 15.48 -10.14
N THR C 127 27.75 15.77 -11.41
CA THR C 127 27.13 16.89 -12.09
C THR C 127 26.46 16.40 -13.37
N GLY C 128 25.78 17.30 -14.05
CA GLY C 128 25.19 16.98 -15.33
C GLY C 128 23.92 17.77 -15.57
N LYS C 129 23.54 17.85 -16.84
CA LYS C 129 22.33 18.54 -17.24
C LYS C 129 21.43 17.57 -17.99
N PHE C 130 20.13 17.66 -17.75
CA PHE C 130 19.14 16.83 -18.43
C PHE C 130 18.13 17.73 -19.11
N LEU C 131 17.58 17.24 -20.22
CA LEU C 131 16.48 17.90 -20.91
C LEU C 131 15.22 17.09 -20.68
N LEU C 132 14.15 17.76 -20.26
CA LEU C 132 12.89 17.10 -19.92
C LEU C 132 11.82 17.62 -20.89
N ALA C 133 11.53 16.86 -21.93
CA ALA C 133 10.67 17.35 -22.99
C ALA C 133 9.27 16.75 -22.91
N TYR C 134 8.32 17.43 -23.53
CA TYR C 134 6.95 16.97 -23.64
C TYR C 134 6.43 17.39 -25.00
N SER C 135 6.04 16.43 -25.83
CA SER C 135 5.61 16.73 -27.20
C SER C 135 4.14 16.41 -27.36
N PRO C 136 3.32 17.37 -27.79
CA PRO C 136 1.90 17.10 -28.03
C PRO C 136 1.71 16.12 -29.18
N PRO C 137 0.57 15.43 -29.26
CA PRO C 137 0.42 14.41 -30.29
C PRO C 137 0.23 14.96 -31.69
N GLY C 138 0.17 14.08 -32.68
CA GLY C 138 0.06 14.50 -34.06
C GLY C 138 1.17 13.88 -34.89
N ALA C 139 2.37 13.88 -34.35
CA ALA C 139 3.47 13.10 -34.85
C ALA C 139 3.67 11.94 -33.90
N GLY C 140 4.71 11.15 -34.13
CA GLY C 140 4.94 9.99 -33.29
C GLY C 140 5.61 10.32 -31.98
N VAL C 141 6.51 9.45 -31.56
CA VAL C 141 7.34 9.74 -30.40
C VAL C 141 8.54 10.52 -30.92
N PRO C 142 9.09 11.45 -30.17
CA PRO C 142 10.40 11.99 -30.55
C PRO C 142 11.48 10.93 -30.39
N LYS C 143 12.35 10.83 -31.40
CA LYS C 143 13.37 9.79 -31.43
C LYS C 143 14.79 10.32 -31.25
N ASN C 144 15.03 11.60 -31.46
CA ASN C 144 16.34 12.22 -31.25
C ASN C 144 16.24 13.21 -30.10
N ARG C 145 17.35 13.89 -29.84
CA ARG C 145 17.24 15.10 -29.04
C ARG C 145 16.78 16.27 -29.89
N LYS C 146 17.10 16.24 -31.19
CA LYS C 146 16.66 17.30 -32.10
C LYS C 146 15.15 17.27 -32.30
N ASP C 147 14.54 16.09 -32.28
CA ASP C 147 13.10 16.00 -32.44
C ASP C 147 12.36 16.32 -31.16
N ALA C 148 12.99 16.18 -30.00
CA ALA C 148 12.31 16.47 -28.75
C ALA C 148 12.53 17.88 -28.25
N MET C 149 13.55 18.59 -28.78
CA MET C 149 13.78 19.97 -28.41
C MET C 149 12.74 20.92 -29.01
N LEU C 150 11.95 20.48 -29.97
CA LEU C 150 11.00 21.34 -30.63
C LEU C 150 9.69 21.45 -29.90
N GLY C 151 9.43 20.58 -28.94
CA GLY C 151 8.19 20.65 -28.19
C GLY C 151 8.27 21.64 -27.05
N THR C 152 7.83 21.22 -25.87
CA THR C 152 7.96 21.99 -24.65
C THR C 152 9.00 21.31 -23.80
N HIS C 153 10.00 22.05 -23.34
CA HIS C 153 11.08 21.43 -22.59
C HIS C 153 11.59 22.37 -21.52
N VAL C 154 12.46 21.84 -20.67
CA VAL C 154 13.14 22.62 -19.64
C VAL C 154 14.47 21.92 -19.33
N ILE C 155 15.55 22.67 -19.38
CA ILE C 155 16.88 22.13 -19.18
C ILE C 155 17.25 22.27 -17.71
N TRP C 156 17.53 21.16 -17.05
CA TRP C 156 17.69 21.11 -15.61
C TRP C 156 19.17 20.92 -15.30
N ASP C 157 19.73 21.84 -14.51
CA ASP C 157 21.10 21.74 -14.03
C ASP C 157 21.07 21.19 -12.60
N VAL C 158 21.90 20.20 -12.34
CA VAL C 158 21.98 19.57 -11.02
C VAL C 158 23.04 20.30 -10.20
N GLY C 159 22.62 20.86 -9.07
CA GLY C 159 23.53 21.59 -8.20
C GLY C 159 23.20 21.45 -6.73
N LEU C 160 23.14 22.57 -6.02
CA LEU C 160 22.73 22.56 -4.62
C LEU C 160 21.24 22.27 -4.49
N GLN C 161 20.41 23.04 -5.20
CA GLN C 161 18.99 22.74 -5.31
C GLN C 161 18.83 21.50 -6.15
N SER C 162 18.39 20.40 -5.54
CA SER C 162 18.42 19.12 -6.25
C SER C 162 17.31 18.96 -7.26
N SER C 163 16.10 19.45 -6.98
CA SER C 163 14.91 19.06 -7.73
C SER C 163 14.51 20.13 -8.73
N CYS C 164 13.83 19.69 -9.79
CA CYS C 164 13.33 20.58 -10.83
C CYS C 164 11.96 20.11 -11.28
N VAL C 165 11.13 21.06 -11.67
CA VAL C 165 9.69 20.83 -11.88
C VAL C 165 9.36 21.12 -13.33
N LEU C 166 9.04 20.09 -14.10
CA LEU C 166 8.45 20.26 -15.42
C LEU C 166 6.93 20.32 -15.25
N CYS C 167 6.33 21.37 -15.75
CA CYS C 167 4.89 21.56 -15.64
C CYS C 167 4.28 21.35 -17.02
N VAL C 168 3.64 20.21 -17.21
CA VAL C 168 3.01 19.87 -18.47
C VAL C 168 1.75 20.71 -18.64
N PRO C 169 1.68 21.59 -19.63
CA PRO C 169 0.53 22.48 -19.75
C PRO C 169 -0.68 21.74 -20.29
N TRP C 170 -1.80 22.45 -20.41
CA TRP C 170 -3.04 21.88 -20.89
C TRP C 170 -3.27 22.38 -22.30
N ILE C 171 -2.93 21.56 -23.27
CA ILE C 171 -3.12 21.87 -24.68
C ILE C 171 -4.06 20.82 -25.22
N SER C 172 -5.32 21.19 -25.45
CA SER C 172 -6.29 20.26 -25.99
C SER C 172 -7.37 21.01 -26.75
N GLN C 173 -8.00 20.32 -27.69
CA GLN C 173 -9.12 20.91 -28.42
C GLN C 173 -10.34 21.05 -27.53
N THR C 174 -10.69 19.99 -26.80
CA THR C 174 -11.91 19.93 -26.03
C THR C 174 -11.71 20.63 -24.69
N HIS C 175 -12.73 20.61 -23.85
CA HIS C 175 -12.60 21.12 -22.50
C HIS C 175 -12.26 20.02 -21.51
N TYR C 176 -12.32 18.76 -21.91
CA TYR C 176 -12.05 17.64 -21.03
C TYR C 176 -11.41 16.52 -21.84
N ARG C 177 -10.99 15.47 -21.15
CA ARG C 177 -10.39 14.30 -21.78
C ARG C 177 -10.85 13.08 -21.03
N TYR C 178 -10.97 11.96 -21.73
CA TYR C 178 -11.45 10.75 -21.07
C TYR C 178 -10.37 10.15 -20.19
N VAL C 179 -10.80 9.51 -19.10
CA VAL C 179 -9.88 8.76 -18.27
C VAL C 179 -9.43 7.49 -18.96
N VAL C 180 -10.37 6.79 -19.60
CA VAL C 180 -10.05 5.57 -20.33
C VAL C 180 -9.25 5.91 -21.59
N GLU C 181 -8.54 4.93 -22.12
CA GLU C 181 -7.71 5.11 -23.30
C GLU C 181 -8.58 5.38 -24.52
N ASP C 182 -8.27 6.44 -25.26
CA ASP C 182 -9.01 6.79 -26.45
C ASP C 182 -7.98 7.49 -27.32
N GLU C 183 -8.08 7.31 -28.63
CA GLU C 183 -7.13 7.97 -29.52
C GLU C 183 -7.73 9.24 -30.14
N TYR C 184 -8.97 9.54 -29.76
CA TYR C 184 -9.59 10.77 -30.22
C TYR C 184 -9.06 11.86 -29.31
N THR C 185 -8.92 11.55 -28.02
CA THR C 185 -8.48 12.52 -27.03
C THR C 185 -7.14 12.11 -26.44
N ALA C 186 -6.19 11.72 -27.28
CA ALA C 186 -4.86 11.43 -26.81
C ALA C 186 -4.17 12.71 -26.36
N ALA C 187 -3.19 12.57 -25.48
CA ALA C 187 -2.60 13.73 -24.81
C ALA C 187 -1.12 13.96 -25.07
N GLY C 188 -0.36 12.94 -25.45
CA GLY C 188 1.02 13.20 -25.80
C GLY C 188 2.04 12.33 -25.12
N TYR C 189 3.30 12.76 -25.13
CA TYR C 189 4.40 11.93 -24.67
C TYR C 189 5.34 12.76 -23.82
N VAL C 190 5.95 12.15 -22.82
CA VAL C 190 6.93 12.79 -21.96
C VAL C 190 8.23 12.01 -22.06
N THR C 191 9.28 12.66 -22.55
CA THR C 191 10.59 12.04 -22.71
C THR C 191 11.62 12.78 -21.87
N CYS C 192 12.85 12.26 -21.85
CA CYS C 192 13.93 12.84 -21.04
C CYS C 192 15.26 12.38 -21.59
N TRP C 193 16.17 13.32 -21.82
CA TRP C 193 17.39 13.05 -22.57
C TRP C 193 18.58 13.66 -21.86
N TYR C 194 19.76 13.10 -22.14
CA TYR C 194 20.99 13.66 -21.63
C TYR C 194 21.32 14.93 -22.40
N GLN C 195 21.48 16.05 -21.69
CA GLN C 195 22.00 17.24 -22.35
C GLN C 195 23.52 17.17 -22.43
N THR C 196 24.19 17.09 -21.30
CA THR C 196 25.59 16.70 -21.22
C THR C 196 25.68 15.43 -20.38
N ASN C 197 26.89 14.99 -20.10
CA ASN C 197 27.12 13.69 -19.47
C ASN C 197 26.89 13.77 -17.97
N ILE C 198 27.31 12.74 -17.24
CA ILE C 198 27.40 12.73 -15.79
C ILE C 198 28.87 12.57 -15.45
N VAL C 199 29.51 13.63 -15.00
CA VAL C 199 30.95 13.60 -14.77
C VAL C 199 31.23 13.52 -13.28
N VAL C 200 32.04 12.54 -12.88
CA VAL C 200 32.29 12.26 -11.47
C VAL C 200 33.79 12.23 -11.22
N PRO C 201 34.21 12.54 -9.99
CA PRO C 201 35.63 12.42 -9.65
C PRO C 201 36.10 10.99 -9.47
N ALA C 202 37.34 10.82 -9.04
CA ALA C 202 37.82 9.49 -8.71
C ALA C 202 37.22 9.03 -7.40
N ASP C 203 37.06 7.71 -7.28
CA ASP C 203 36.48 7.03 -6.11
C ASP C 203 35.05 7.46 -5.82
N VAL C 204 34.28 7.79 -6.85
CA VAL C 204 32.85 8.05 -6.74
C VAL C 204 32.15 7.09 -7.68
N GLN C 205 31.07 6.47 -7.20
CA GLN C 205 30.31 5.55 -8.04
C GLN C 205 29.60 6.30 -9.16
N SER C 206 29.56 5.66 -10.33
CA SER C 206 29.01 6.33 -11.52
C SER C 206 27.52 6.13 -11.67
N SER C 207 26.99 4.99 -11.28
CA SER C 207 25.57 4.70 -11.44
C SER C 207 24.78 5.44 -10.37
N CYS C 208 24.09 6.50 -10.78
CA CYS C 208 23.25 7.30 -9.91
C CYS C 208 21.80 7.14 -10.32
N ASP C 209 20.88 7.39 -9.39
CA ASP C 209 19.46 7.16 -9.63
C ASP C 209 18.69 8.47 -9.54
N ILE C 210 17.50 8.49 -10.11
CA ILE C 210 16.65 9.67 -10.19
C ILE C 210 15.22 9.27 -9.86
N LEU C 211 14.60 9.95 -8.91
CA LEU C 211 13.20 9.71 -8.59
C LEU C 211 12.30 10.71 -9.30
N CYS C 212 11.03 10.37 -9.43
CA CYS C 212 10.07 11.20 -10.15
C CYS C 212 8.74 11.24 -9.42
N PHE C 213 8.19 12.44 -9.21
CA PHE C 213 6.94 12.63 -8.51
C PHE C 213 5.90 13.19 -9.46
N VAL C 214 4.63 13.06 -9.11
CA VAL C 214 3.55 13.60 -9.93
C VAL C 214 2.47 14.17 -9.01
N SER C 215 1.79 15.20 -9.51
CA SER C 215 0.70 15.86 -8.79
C SER C 215 -0.10 16.66 -9.81
N ALA C 216 -1.00 17.51 -9.32
CA ALA C 216 -1.84 18.30 -10.20
C ALA C 216 -1.73 19.77 -9.84
N CYS C 217 -2.00 20.64 -10.80
CA CYS C 217 -1.86 22.07 -10.58
C CYS C 217 -3.08 22.60 -9.83
N ASN C 218 -3.21 23.91 -9.75
CA ASN C 218 -4.35 24.51 -9.08
C ASN C 218 -5.54 24.71 -10.00
N ASP C 219 -5.55 24.09 -11.17
CA ASP C 219 -6.70 24.14 -12.07
C ASP C 219 -7.03 22.77 -12.64
N PHE C 220 -6.92 21.73 -11.82
CA PHE C 220 -7.29 20.40 -12.21
C PHE C 220 -8.73 20.16 -11.76
N SER C 221 -9.49 19.40 -12.54
CA SER C 221 -10.87 19.14 -12.16
C SER C 221 -11.31 17.81 -12.76
N VAL C 222 -12.35 17.22 -12.17
CA VAL C 222 -12.88 15.94 -12.60
C VAL C 222 -14.40 16.00 -12.65
N ARG C 223 -14.98 14.99 -13.30
CA ARG C 223 -16.39 14.99 -13.66
C ARG C 223 -16.86 13.55 -13.80
N MET C 224 -18.17 13.34 -13.65
CA MET C 224 -18.88 12.11 -14.00
C MET C 224 -18.33 10.90 -13.24
N LEU C 225 -18.63 10.91 -11.94
CA LEU C 225 -18.18 9.87 -11.02
C LEU C 225 -18.70 8.49 -11.43
N LYS C 226 -17.78 7.54 -11.61
CA LYS C 226 -18.10 6.18 -12.01
C LYS C 226 -17.49 5.19 -11.02
N ASP C 227 -17.50 3.91 -11.36
CA ASP C 227 -16.94 2.90 -10.48
C ASP C 227 -15.51 2.57 -10.88
N THR C 228 -14.77 1.94 -9.98
CA THR C 228 -13.36 1.70 -10.24
C THR C 228 -13.09 0.27 -10.71
N PRO C 229 -12.15 0.08 -11.62
CA PRO C 229 -11.82 -1.28 -12.08
C PRO C 229 -10.72 -2.00 -11.32
N PHE C 230 -10.14 -1.39 -10.28
CA PHE C 230 -8.99 -1.96 -9.60
C PHE C 230 -9.36 -2.81 -8.40
N ILE C 231 -10.60 -3.28 -8.31
CA ILE C 231 -11.03 -4.09 -7.19
C ILE C 231 -11.98 -5.15 -7.72
N ARG C 232 -12.08 -6.27 -7.01
CA ARG C 232 -12.78 -7.44 -7.52
C ARG C 232 -13.18 -8.34 -6.37
N GLN C 233 -14.35 -8.96 -6.49
CA GLN C 233 -14.92 -9.77 -5.42
C GLN C 233 -15.61 -10.98 -6.04
N ASP C 234 -15.61 -12.09 -5.31
CA ASP C 234 -16.29 -13.30 -5.75
C ASP C 234 -17.46 -13.67 -4.85
N THR C 235 -17.24 -13.77 -3.55
CA THR C 235 -18.29 -14.00 -2.58
C THR C 235 -18.19 -12.95 -1.49
N PHE C 236 -18.97 -13.11 -0.44
CA PHE C 236 -18.81 -12.24 0.72
C PHE C 236 -17.57 -12.66 1.51
N TYR C 237 -17.10 -11.75 2.35
CA TYR C 237 -15.95 -12.07 3.19
C TYR C 237 -16.41 -12.59 4.54
N ALA D 3 -39.23 28.18 4.78
CA ALA D 3 -39.06 27.79 3.39
C ALA D 3 -37.84 28.44 2.78
N GLN D 4 -36.69 27.79 2.87
CA GLN D 4 -35.46 28.35 2.34
C GLN D 4 -35.44 28.26 0.82
N VAL D 5 -34.96 29.32 0.19
CA VAL D 5 -34.91 29.42 -1.27
C VAL D 5 -33.45 29.53 -1.68
N SER D 6 -32.95 28.55 -2.42
CA SER D 6 -31.54 28.44 -2.75
C SER D 6 -31.35 28.61 -4.26
N THR D 7 -30.16 28.27 -4.74
CA THR D 7 -29.70 28.83 -6.00
C THR D 7 -29.58 27.86 -7.18
N GLN D 8 -29.78 26.55 -6.99
CA GLN D 8 -29.98 25.59 -8.09
C GLN D 8 -28.86 25.52 -9.11
N LYS D 9 -27.77 24.82 -8.77
CA LYS D 9 -26.54 24.63 -9.56
C LYS D 9 -26.78 24.44 -11.05
N THR D 10 -26.18 25.31 -11.85
CA THR D 10 -26.31 25.29 -13.30
C THR D 10 -24.95 25.61 -13.91
N GLY D 11 -24.95 25.85 -15.22
CA GLY D 11 -23.71 26.08 -15.94
C GLY D 11 -23.17 27.48 -15.85
N ILE D 25 -31.55 30.89 -11.20
CA ILE D 25 -32.88 30.30 -11.05
C ILE D 25 -32.91 29.57 -9.70
N HIS D 26 -34.07 29.51 -9.06
CA HIS D 26 -34.16 29.15 -7.65
C HIS D 26 -35.01 27.90 -7.44
N TYR D 27 -34.88 27.30 -6.26
CA TYR D 27 -35.78 26.23 -5.85
C TYR D 27 -36.19 26.45 -4.40
N THR D 28 -37.15 25.65 -3.94
CA THR D 28 -37.76 25.83 -2.63
C THR D 28 -37.64 24.55 -1.82
N ASN D 29 -37.27 24.69 -0.54
CA ASN D 29 -37.00 23.53 0.29
C ASN D 29 -37.53 23.76 1.69
N ILE D 30 -38.45 22.91 2.12
CA ILE D 30 -39.04 22.93 3.46
C ILE D 30 -38.72 21.62 4.14
N ASN D 31 -38.44 21.67 5.44
CA ASN D 31 -38.19 20.47 6.22
C ASN D 31 -39.46 20.06 6.95
N TYR D 32 -39.77 18.76 6.93
CA TYR D 32 -41.02 18.27 7.50
C TYR D 32 -40.86 17.48 8.79
N TYR D 33 -39.68 16.93 9.08
CA TYR D 33 -39.51 16.01 10.19
C TYR D 33 -38.86 16.69 11.38
N LYS D 34 -38.90 16.01 12.53
CA LYS D 34 -38.51 16.62 13.79
C LYS D 34 -37.03 16.50 14.10
N ASP D 35 -36.32 15.56 13.49
CA ASP D 35 -34.90 15.38 13.75
C ASP D 35 -34.06 16.09 12.71
N ALA D 36 -32.78 16.24 13.01
CA ALA D 36 -31.85 16.84 12.07
C ALA D 36 -31.16 15.81 11.21
N ALA D 37 -31.36 14.53 11.49
CA ALA D 37 -30.82 13.46 10.67
C ALA D 37 -31.78 13.07 9.56
N SER D 38 -32.93 13.72 9.47
CA SER D 38 -33.92 13.43 8.44
C SER D 38 -33.84 14.37 7.26
N ASN D 39 -32.92 15.31 7.25
CA ASN D 39 -32.85 16.29 6.19
C ASN D 39 -32.23 15.69 4.93
N SER D 40 -32.11 16.50 3.91
CA SER D 40 -31.50 16.04 2.67
C SER D 40 -29.99 16.03 2.80
N ALA D 41 -29.33 15.51 1.78
CA ALA D 41 -27.90 15.66 1.69
C ALA D 41 -27.58 17.11 1.33
N ASN D 42 -26.40 17.57 1.72
CA ASN D 42 -26.05 18.97 1.50
C ASN D 42 -25.73 19.24 0.05
N ARG D 43 -24.64 18.64 -0.44
CA ARG D 43 -24.16 18.69 -1.82
C ARG D 43 -23.78 20.08 -2.32
N GLN D 44 -23.84 21.10 -1.46
CA GLN D 44 -23.52 22.46 -1.84
C GLN D 44 -22.73 23.15 -0.75
N ASP D 45 -21.75 22.45 -0.19
CA ASP D 45 -20.80 23.01 0.78
C ASP D 45 -19.43 22.94 0.13
N PHE D 46 -19.09 23.97 -0.64
CA PHE D 46 -17.88 23.97 -1.45
C PHE D 46 -16.77 24.72 -0.71
N THR D 47 -15.96 23.98 0.04
CA THR D 47 -14.85 24.56 0.78
C THR D 47 -13.58 23.82 0.41
N GLN D 48 -12.50 24.56 0.22
CA GLN D 48 -11.21 24.00 -0.18
C GLN D 48 -10.14 24.59 0.71
N ASP D 49 -9.20 23.75 1.14
CA ASP D 49 -8.02 24.21 1.88
C ASP D 49 -6.91 23.19 1.71
N PRO D 50 -6.27 23.16 0.53
CA PRO D 50 -5.22 22.18 0.31
C PRO D 50 -3.87 22.60 0.84
N GLY D 51 -3.78 23.75 1.50
CA GLY D 51 -2.50 24.22 2.00
C GLY D 51 -1.99 23.51 3.23
N LYS D 52 -2.78 22.62 3.81
CA LYS D 52 -2.31 21.85 4.95
C LYS D 52 -1.79 20.49 4.57
N PHE D 53 -2.05 20.04 3.35
CA PHE D 53 -1.50 18.79 2.85
C PHE D 53 -0.29 19.00 1.95
N THR D 54 -0.34 20.01 1.10
CA THR D 54 0.79 20.28 0.21
C THR D 54 1.89 21.09 0.88
N GLU D 55 1.54 22.04 1.74
CA GLU D 55 2.51 22.96 2.31
C GLU D 55 2.48 22.94 3.84
N PRO D 56 2.82 21.80 4.48
CA PRO D 56 2.76 21.70 5.94
C PRO D 56 4.08 22.03 6.62
N VAL D 57 4.72 23.12 6.22
CA VAL D 57 6.05 23.44 6.70
C VAL D 57 5.94 24.54 7.74
N LYS D 58 7.04 24.78 8.46
CA LYS D 58 7.07 25.78 9.52
C LYS D 58 7.56 27.13 9.02
N ASP D 59 8.71 27.16 8.36
CA ASP D 59 9.17 28.36 7.68
C ASP D 59 8.58 28.42 6.29
N ILE D 60 7.85 29.49 5.99
CA ILE D 60 7.13 29.58 4.72
C ILE D 60 8.12 29.80 3.57
N MET D 61 7.95 29.05 2.50
CA MET D 61 8.82 29.11 1.33
C MET D 61 8.13 29.90 0.23
N VAL D 62 8.74 31.00 -0.18
CA VAL D 62 8.28 31.75 -1.33
C VAL D 62 8.56 30.93 -2.59
N LYS D 63 7.75 31.14 -3.62
CA LYS D 63 7.87 30.35 -4.83
C LYS D 63 9.14 30.67 -5.60
N THR D 64 9.39 31.95 -5.88
CA THR D 64 10.48 32.36 -6.75
C THR D 64 11.82 32.48 -6.05
N MET D 65 11.94 32.02 -4.84
CA MET D 65 13.19 32.00 -4.12
C MET D 65 13.77 30.60 -4.14
N PRO D 66 15.08 30.44 -3.92
CA PRO D 66 15.63 29.10 -3.71
C PRO D 66 15.12 28.52 -2.41
N ALA D 67 14.94 27.19 -2.42
CA ALA D 67 14.29 26.53 -1.30
C ALA D 67 15.25 26.34 -0.13
N LEU D 68 16.54 26.25 -0.40
CA LEU D 68 17.54 26.00 0.63
C LEU D 68 18.65 27.02 0.50
N ASN D 69 18.63 28.02 1.37
CA ASN D 69 19.61 29.10 1.30
C ASN D 69 20.90 28.74 2.01
N GLU E 1 36.51 -17.23 -6.35
CA GLU E 1 35.65 -18.36 -6.69
C GLU E 1 34.86 -18.81 -5.49
N VAL E 2 33.62 -19.22 -5.73
CA VAL E 2 32.76 -19.75 -4.68
C VAL E 2 33.06 -21.23 -4.50
N LYS E 3 33.21 -21.66 -3.25
CA LYS E 3 33.53 -23.05 -2.96
C LYS E 3 32.75 -23.48 -1.73
N LEU E 4 31.80 -24.40 -1.92
CA LEU E 4 30.93 -24.89 -0.85
C LEU E 4 31.18 -26.38 -0.67
N VAL E 5 31.65 -26.76 0.51
CA VAL E 5 31.89 -28.16 0.87
C VAL E 5 31.06 -28.48 2.09
N GLU E 6 30.20 -29.48 1.97
CA GLU E 6 29.34 -29.92 3.06
C GLU E 6 29.75 -31.29 3.55
N SER E 7 29.45 -31.56 4.82
CA SER E 7 29.90 -32.77 5.47
C SER E 7 29.00 -33.08 6.65
N GLY E 8 28.94 -34.35 7.02
CA GLY E 8 28.18 -34.80 8.17
C GLY E 8 27.16 -35.88 7.89
N GLY E 9 27.05 -36.37 6.67
CA GLY E 9 26.08 -37.39 6.38
C GLY E 9 26.54 -38.77 6.80
N GLY E 10 25.63 -39.73 6.73
CA GLY E 10 25.98 -41.09 7.06
C GLY E 10 24.75 -41.91 7.35
N LEU E 11 24.98 -43.12 7.82
CA LEU E 11 23.90 -44.00 8.21
C LEU E 11 23.28 -43.53 9.51
N VAL E 12 21.96 -43.65 9.61
CA VAL E 12 21.24 -43.31 10.84
C VAL E 12 20.02 -44.20 10.93
N GLN E 13 19.50 -44.37 12.15
CA GLN E 13 18.33 -45.15 12.50
C GLN E 13 17.06 -44.33 12.34
N PRO E 14 15.92 -44.96 12.08
CA PRO E 14 14.66 -44.21 12.05
C PRO E 14 14.26 -43.77 13.44
N GLY E 15 13.83 -42.50 13.54
CA GLY E 15 13.55 -41.89 14.81
C GLY E 15 14.73 -41.20 15.44
N GLY E 16 15.89 -41.20 14.80
CA GLY E 16 17.07 -40.56 15.33
C GLY E 16 17.33 -39.20 14.69
N SER E 17 18.40 -38.57 15.15
CA SER E 17 18.78 -37.24 14.70
C SER E 17 20.11 -37.26 13.96
N LEU E 18 20.35 -36.21 13.20
CA LEU E 18 21.56 -36.06 12.42
C LEU E 18 21.74 -34.59 12.07
N SER E 19 22.97 -34.10 12.20
CA SER E 19 23.28 -32.70 11.94
C SER E 19 24.24 -32.60 10.77
N LEU E 20 23.80 -31.96 9.70
CA LEU E 20 24.65 -31.70 8.54
C LEU E 20 25.24 -30.31 8.67
N SER E 21 26.44 -30.13 8.12
CA SER E 21 27.12 -28.85 8.14
C SER E 21 27.65 -28.54 6.76
N CYS E 22 27.51 -27.29 6.33
CA CYS E 22 27.99 -26.81 5.04
C CYS E 22 28.93 -25.64 5.28
N ALA E 23 30.13 -25.72 4.74
CA ALA E 23 31.16 -24.70 4.91
C ALA E 23 31.31 -23.89 3.64
N ALA E 24 31.46 -22.58 3.79
CA ALA E 24 31.50 -21.66 2.67
C ALA E 24 32.88 -21.01 2.59
N SER E 25 33.37 -20.82 1.37
CA SER E 25 34.66 -20.19 1.16
C SER E 25 34.64 -19.40 -0.13
N GLY E 26 35.31 -18.25 -0.13
CA GLY E 26 35.49 -17.46 -1.32
C GLY E 26 34.60 -16.25 -1.45
N PHE E 27 33.65 -16.07 -0.53
CA PHE E 27 32.74 -14.95 -0.60
C PHE E 27 32.40 -14.53 0.82
N THR E 28 31.83 -13.34 0.95
CA THR E 28 31.40 -12.85 2.26
C THR E 28 30.11 -13.55 2.65
N PHE E 29 30.12 -14.21 3.80
CA PHE E 29 29.02 -15.09 4.17
C PHE E 29 27.78 -14.34 4.61
N THR E 30 27.92 -13.09 5.03
CA THR E 30 26.82 -12.32 5.59
C THR E 30 26.09 -11.49 4.55
N ASP E 31 26.34 -11.71 3.27
CA ASP E 31 25.71 -10.92 2.22
C ASP E 31 24.70 -11.70 1.39
N TYR E 32 24.73 -13.03 1.42
CA TYR E 32 23.98 -13.84 0.48
C TYR E 32 23.03 -14.78 1.22
N TYR E 33 21.92 -15.09 0.56
CA TYR E 33 20.98 -16.07 1.07
C TYR E 33 21.57 -17.46 0.91
N MET E 34 21.21 -18.37 1.80
CA MET E 34 21.76 -19.72 1.78
C MET E 34 20.65 -20.74 1.89
N ASN E 35 20.52 -21.59 0.89
CA ASN E 35 19.41 -22.53 0.75
C ASN E 35 19.84 -23.94 1.14
N TRP E 36 18.86 -24.84 1.22
CA TRP E 36 19.11 -26.26 1.46
C TRP E 36 18.17 -27.06 0.57
N VAL E 37 18.73 -27.86 -0.33
CA VAL E 37 17.95 -28.64 -1.29
C VAL E 37 18.33 -30.10 -1.13
N ARG E 38 17.34 -30.98 -1.08
CA ARG E 38 17.59 -32.42 -1.07
C ARG E 38 17.07 -33.03 -2.35
N GLN E 39 17.56 -34.23 -2.66
CA GLN E 39 17.14 -34.93 -3.86
C GLN E 39 17.17 -36.43 -3.61
N PRO E 40 16.02 -37.11 -3.73
CA PRO E 40 16.02 -38.57 -3.61
C PRO E 40 16.73 -39.22 -4.79
N SER E 41 16.95 -40.53 -4.66
CA SER E 41 17.77 -41.26 -5.62
C SER E 41 17.03 -41.38 -6.96
N GLY E 42 17.45 -40.57 -7.92
CA GLY E 42 16.86 -40.60 -9.24
C GLY E 42 15.48 -39.99 -9.34
N LYS E 43 15.14 -39.06 -8.45
CA LYS E 43 13.85 -38.40 -8.45
C LYS E 43 14.04 -36.89 -8.54
N ALA E 44 12.94 -36.16 -8.34
CA ALA E 44 12.94 -34.72 -8.53
C ALA E 44 13.61 -34.01 -7.35
N LEU E 45 14.10 -32.80 -7.62
CA LEU E 45 14.67 -31.98 -6.57
C LEU E 45 13.58 -31.44 -5.65
N GLU E 46 13.90 -31.31 -4.37
CA GLU E 46 12.96 -30.82 -3.38
C GLU E 46 13.61 -29.73 -2.54
N TRP E 47 12.93 -28.60 -2.42
CA TRP E 47 13.48 -27.47 -1.69
C TRP E 47 13.04 -27.51 -0.23
N LEU E 48 14.00 -27.35 0.68
CA LEU E 48 13.74 -27.47 2.11
C LEU E 48 13.59 -26.12 2.81
N GLY E 49 14.45 -25.16 2.52
CA GLY E 49 14.31 -23.84 3.10
C GLY E 49 15.59 -23.04 2.95
N PHE E 50 15.47 -21.73 3.15
CA PHE E 50 16.64 -20.88 3.13
C PHE E 50 16.77 -20.12 4.43
N LEU E 51 17.80 -19.29 4.49
CA LEU E 51 18.11 -18.43 5.62
C LEU E 51 18.67 -17.13 5.09
N ARG E 52 18.02 -16.02 5.41
CA ARG E 52 18.31 -14.75 4.77
C ARG E 52 19.63 -14.17 5.28
N ASN E 53 20.08 -13.11 4.63
CA ASN E 53 21.38 -12.53 4.90
C ASN E 53 21.32 -11.62 6.12
N LYS E 54 22.39 -10.87 6.38
CA LYS E 54 22.45 -10.06 7.59
C LYS E 54 21.56 -8.84 7.51
N ALA E 55 21.39 -8.28 6.31
CA ALA E 55 20.62 -7.07 6.17
C ALA E 55 19.13 -7.30 6.23
N ASN E 56 18.68 -8.55 6.13
CA ASN E 56 17.27 -8.87 6.30
C ASN E 56 16.97 -9.56 7.61
N GLY E 57 17.99 -9.89 8.39
CA GLY E 57 17.80 -10.26 9.77
C GLY E 57 17.97 -11.72 10.13
N TYR E 58 18.56 -12.52 9.25
CA TYR E 58 18.86 -13.95 9.47
C TYR E 58 17.62 -14.78 9.78
N THR E 59 16.46 -14.39 9.27
CA THR E 59 15.28 -15.20 9.48
C THR E 59 15.31 -16.41 8.57
N THR E 60 14.54 -17.44 8.93
CA THR E 60 14.46 -18.66 8.15
C THR E 60 13.08 -18.81 7.55
N GLU E 61 12.97 -19.67 6.55
CA GLU E 61 11.68 -19.93 5.89
C GLU E 61 11.68 -21.36 5.38
N TYR E 62 11.00 -22.25 6.08
CA TYR E 62 11.03 -23.67 5.77
C TYR E 62 9.98 -24.03 4.72
N SER E 63 9.99 -25.30 4.33
CA SER E 63 9.03 -25.84 3.40
C SER E 63 7.76 -26.22 4.15
N ALA E 64 6.87 -26.95 3.48
CA ALA E 64 5.62 -27.34 4.11
C ALA E 64 5.72 -28.70 4.79
N SER E 65 6.59 -29.58 4.30
CA SER E 65 6.68 -30.94 4.81
C SER E 65 7.70 -31.10 5.93
N VAL E 66 8.70 -30.22 5.98
CA VAL E 66 9.75 -30.33 6.99
C VAL E 66 9.66 -29.23 8.04
N LYS E 67 8.58 -28.48 8.06
CA LYS E 67 8.43 -27.38 9.00
C LYS E 67 8.20 -27.93 10.40
N GLY E 68 9.08 -27.58 11.33
CA GLY E 68 9.02 -28.02 12.70
C GLY E 68 9.92 -29.21 13.01
N ARG E 69 10.38 -29.93 11.99
CA ARG E 69 11.30 -31.03 12.21
C ARG E 69 12.74 -30.66 11.93
N PHE E 70 12.99 -29.81 10.96
CA PHE E 70 14.34 -29.42 10.58
C PHE E 70 14.60 -28.00 11.05
N THR E 71 15.88 -27.64 11.18
CA THR E 71 16.24 -26.33 11.70
C THR E 71 17.50 -25.84 11.01
N ILE E 72 17.46 -24.65 10.44
CA ILE E 72 18.58 -24.05 9.72
C ILE E 72 19.16 -22.94 10.57
N SER E 73 20.48 -22.97 10.76
CA SER E 73 21.14 -21.94 11.54
C SER E 73 22.60 -21.90 11.12
N ARG E 74 23.33 -20.92 11.64
CA ARG E 74 24.73 -20.73 11.32
C ARG E 74 25.52 -20.48 12.59
N ASP E 75 26.83 -20.40 12.44
CA ASP E 75 27.70 -20.08 13.57
C ASP E 75 28.11 -18.62 13.49
N ASN E 76 28.26 -18.00 14.67
CA ASN E 76 28.48 -16.56 14.73
C ASN E 76 29.90 -16.16 14.31
N SER E 77 30.90 -16.96 14.66
CA SER E 77 32.28 -16.56 14.39
C SER E 77 32.68 -16.85 12.95
N GLN E 78 32.76 -18.12 12.58
CA GLN E 78 33.29 -18.48 11.28
C GLN E 78 32.17 -18.73 10.29
N SER E 79 32.54 -18.84 9.02
CA SER E 79 31.60 -18.99 7.93
C SER E 79 31.23 -20.46 7.79
N ILE E 80 30.10 -20.85 8.38
CA ILE E 80 29.62 -22.22 8.30
C ILE E 80 28.11 -22.18 8.47
N LEU E 81 27.44 -23.23 8.00
CA LEU E 81 25.98 -23.28 7.97
C LEU E 81 25.52 -24.67 8.35
N TYR E 82 24.48 -24.75 9.18
CA TYR E 82 24.05 -26.02 9.75
C TYR E 82 22.69 -26.43 9.22
N LEU E 83 22.29 -27.64 9.61
CA LEU E 83 20.93 -28.15 9.43
C LEU E 83 20.75 -29.28 10.42
N GLN E 84 19.86 -29.10 11.38
CA GLN E 84 19.60 -30.10 12.42
C GLN E 84 18.34 -30.87 12.08
N MET E 85 18.47 -32.16 11.85
CA MET E 85 17.36 -33.00 11.46
C MET E 85 16.85 -33.80 12.65
N ASN E 86 15.53 -33.91 12.77
CA ASN E 86 14.91 -34.57 13.90
C ASN E 86 13.74 -35.41 13.45
N ALA E 87 13.54 -36.55 14.13
CA ALA E 87 12.47 -37.51 13.89
C ALA E 87 12.44 -37.98 12.44
N LEU E 88 13.55 -38.61 12.04
CA LEU E 88 13.73 -39.01 10.65
C LEU E 88 12.86 -40.21 10.31
N ARG E 89 12.36 -40.25 9.08
CA ARG E 89 11.50 -41.30 8.58
C ARG E 89 12.22 -42.04 7.46
N ALA E 90 11.50 -42.92 6.78
CA ALA E 90 12.14 -43.73 5.74
C ALA E 90 12.31 -42.95 4.44
N GLU E 91 11.48 -41.93 4.21
CA GLU E 91 11.54 -41.19 2.96
C GLU E 91 12.54 -40.05 3.00
N ASP E 92 13.25 -39.85 4.10
CA ASP E 92 14.24 -38.80 4.22
C ASP E 92 15.63 -39.23 3.77
N SER E 93 15.75 -40.41 3.15
CA SER E 93 17.04 -40.85 2.64
C SER E 93 17.24 -40.26 1.25
N ALA E 94 18.19 -39.32 1.14
CA ALA E 94 18.36 -38.57 -0.09
C ALA E 94 19.77 -37.99 -0.11
N THR E 95 20.03 -37.17 -1.13
CA THR E 95 21.31 -36.48 -1.28
C THR E 95 21.06 -35.00 -1.01
N TYR E 96 21.77 -34.43 -0.05
CA TYR E 96 21.47 -33.09 0.45
C TYR E 96 22.48 -32.09 -0.08
N TYR E 97 21.98 -31.05 -0.74
CA TYR E 97 22.81 -30.02 -1.35
C TYR E 97 22.76 -28.74 -0.53
N CYS E 98 23.67 -27.83 -0.83
CA CYS E 98 23.83 -26.57 -0.10
C CYS E 98 24.01 -25.47 -1.12
N ALA E 99 22.94 -24.78 -1.49
CA ALA E 99 22.95 -23.84 -2.61
C ALA E 99 22.97 -22.41 -2.12
N ARG E 100 23.55 -21.53 -2.94
CA ARG E 100 23.66 -20.11 -2.65
C ARG E 100 22.68 -19.34 -3.53
N SER E 101 22.30 -18.14 -3.08
CA SER E 101 21.45 -17.27 -3.87
C SER E 101 22.06 -15.87 -3.90
N ARG E 102 21.69 -15.07 -4.88
CA ARG E 102 22.24 -13.73 -5.00
C ARG E 102 21.24 -12.82 -5.69
N TYR E 103 21.57 -11.53 -5.69
CA TYR E 103 20.76 -10.50 -6.31
C TYR E 103 21.25 -10.29 -7.75
N TYR E 104 20.35 -10.41 -8.72
CA TYR E 104 20.80 -10.36 -10.11
C TYR E 104 20.80 -8.95 -10.65
N GLY E 105 19.64 -8.29 -10.63
CA GLY E 105 19.63 -6.89 -10.98
C GLY E 105 19.96 -6.11 -9.73
N GLY E 106 19.02 -5.31 -9.25
CA GLY E 106 19.05 -4.96 -7.85
C GLY E 106 18.13 -5.78 -7.02
N THR E 107 17.30 -6.59 -7.66
CA THR E 107 16.23 -7.34 -7.02
C THR E 107 16.68 -8.78 -6.77
N TYR E 108 15.77 -9.58 -6.22
CA TYR E 108 16.07 -10.95 -5.83
C TYR E 108 15.19 -11.90 -6.62
N ARG E 109 15.72 -12.43 -7.71
CA ARG E 109 15.12 -13.56 -8.39
C ARG E 109 15.58 -14.82 -7.68
N TYR E 110 14.76 -15.86 -7.70
CA TYR E 110 14.91 -16.94 -6.74
C TYR E 110 15.77 -18.08 -7.25
N ALA E 111 16.82 -17.78 -8.02
CA ALA E 111 17.68 -18.80 -8.56
C ALA E 111 18.69 -19.27 -7.52
N LEU E 112 19.27 -20.45 -7.76
CA LEU E 112 20.27 -21.05 -6.89
C LEU E 112 21.51 -21.32 -7.73
N ASP E 113 22.44 -20.38 -7.77
CA ASP E 113 23.52 -20.47 -8.77
C ASP E 113 24.61 -21.46 -8.36
N TYR E 114 25.25 -21.25 -7.22
CA TYR E 114 26.37 -22.08 -6.80
C TYR E 114 25.88 -23.16 -5.87
N TRP E 115 26.13 -24.42 -6.22
CA TRP E 115 25.66 -25.56 -5.47
C TRP E 115 26.82 -26.29 -4.80
N GLY E 116 26.51 -27.07 -3.78
CA GLY E 116 27.51 -27.87 -3.12
C GLY E 116 27.68 -29.21 -3.80
N GLN E 117 28.65 -29.97 -3.31
CA GLN E 117 29.00 -31.25 -3.92
C GLN E 117 28.01 -32.36 -3.57
N GLY E 118 27.25 -32.19 -2.50
CA GLY E 118 26.27 -33.20 -2.11
C GLY E 118 26.77 -34.20 -1.09
N THR E 119 26.16 -34.23 0.08
CA THR E 119 26.35 -35.30 1.04
C THR E 119 25.13 -36.21 1.03
N SER E 120 25.32 -37.43 1.52
CA SER E 120 24.29 -38.44 1.44
C SER E 120 23.83 -38.85 2.83
N VAL E 121 22.54 -39.06 2.98
CA VAL E 121 21.94 -39.55 4.23
C VAL E 121 21.15 -40.80 3.89
N THR E 122 21.45 -41.90 4.57
CA THR E 122 20.71 -43.16 4.40
C THR E 122 20.14 -43.55 5.75
N VAL E 123 18.82 -43.66 5.81
CA VAL E 123 18.11 -43.95 7.04
C VAL E 123 17.33 -45.25 6.86
N SER E 124 17.57 -46.21 7.74
CA SER E 124 17.00 -47.55 7.63
C SER E 124 17.02 -48.27 8.97
N ASN F 2 1.65 -25.24 -6.59
CA ASN F 2 1.89 -24.95 -8.00
C ASN F 2 2.87 -25.94 -8.60
N VAL F 3 2.36 -26.86 -9.41
CA VAL F 3 3.11 -28.03 -9.86
C VAL F 3 3.54 -27.81 -11.31
N LEU F 4 4.82 -28.05 -11.58
CA LEU F 4 5.39 -27.93 -12.91
C LEU F 4 5.41 -29.28 -13.60
N THR F 5 5.11 -29.28 -14.89
CA THR F 5 5.01 -30.51 -15.67
C THR F 5 5.87 -30.36 -16.91
N GLN F 6 6.97 -31.12 -16.98
CA GLN F 6 7.86 -31.07 -18.12
C GLN F 6 7.54 -32.19 -19.10
N SER F 7 7.66 -31.87 -20.39
CA SER F 7 7.37 -32.80 -21.46
C SER F 7 8.36 -32.53 -22.58
N PRO F 8 9.00 -33.56 -23.16
CA PRO F 8 8.86 -34.99 -22.89
C PRO F 8 9.70 -35.46 -21.71
N PRO F 9 9.38 -36.62 -21.13
CA PRO F 9 10.24 -37.14 -20.06
C PRO F 9 11.59 -37.59 -20.56
N ILE F 10 11.65 -38.30 -21.69
CA ILE F 10 12.90 -38.63 -22.36
C ILE F 10 12.82 -38.11 -23.79
N MET F 11 13.95 -37.69 -24.33
CA MET F 11 14.00 -37.21 -25.70
C MET F 11 15.32 -37.62 -26.33
N SER F 12 15.35 -37.67 -27.65
CA SER F 12 16.53 -38.07 -28.40
C SER F 12 16.76 -37.12 -29.56
N ALA F 13 18.03 -36.82 -29.79
CA ALA F 13 18.42 -35.97 -30.92
C ALA F 13 19.86 -36.25 -31.29
N SER F 14 20.13 -36.24 -32.59
CA SER F 14 21.41 -36.39 -33.27
C SER F 14 22.12 -35.03 -33.32
N PRO F 15 23.45 -35.03 -33.31
CA PRO F 15 24.19 -33.76 -33.33
C PRO F 15 23.99 -33.01 -34.64
N GLY F 16 23.71 -31.72 -34.52
CA GLY F 16 23.33 -30.88 -35.65
C GLY F 16 21.86 -30.52 -35.68
N GLU F 17 21.04 -31.18 -34.87
CA GLU F 17 19.61 -30.92 -34.86
C GLU F 17 19.27 -29.78 -33.92
N LYS F 18 18.02 -29.32 -34.01
CA LYS F 18 17.46 -28.30 -33.12
C LYS F 18 16.31 -28.90 -32.35
N VAL F 19 16.37 -28.85 -31.03
CA VAL F 19 15.43 -29.57 -30.18
C VAL F 19 14.87 -28.60 -29.14
N THR F 20 13.61 -28.82 -28.75
CA THR F 20 12.89 -27.87 -27.91
C THR F 20 12.07 -28.62 -26.88
N MET F 21 12.34 -28.36 -25.60
CA MET F 21 11.61 -28.95 -24.49
C MET F 21 10.74 -27.88 -23.84
N THR F 22 9.76 -28.33 -23.05
CA THR F 22 8.78 -27.42 -22.47
C THR F 22 8.63 -27.67 -20.98
N CYS F 23 7.92 -26.76 -20.31
CA CYS F 23 7.66 -26.83 -18.88
C CYS F 23 6.40 -26.01 -18.61
N ARG F 24 5.28 -26.69 -18.35
CA ARG F 24 3.98 -26.06 -18.26
C ARG F 24 3.47 -26.10 -16.83
N ALA F 25 3.06 -24.95 -16.31
CA ALA F 25 2.63 -24.81 -14.93
C ALA F 25 1.11 -24.85 -14.85
N SER F 26 0.62 -25.26 -13.69
CA SER F 26 -0.83 -25.33 -13.49
C SER F 26 -1.46 -23.97 -13.29
N SER F 27 -0.73 -23.03 -12.70
CA SER F 27 -1.16 -21.65 -12.55
C SER F 27 -0.05 -20.74 -13.05
N SER F 28 -0.40 -19.48 -13.28
CA SER F 28 0.52 -18.57 -13.94
C SER F 28 1.64 -18.12 -13.01
N VAL F 29 2.87 -18.24 -13.49
CA VAL F 29 4.03 -17.75 -12.76
C VAL F 29 4.49 -16.46 -13.41
N SER F 30 5.21 -15.65 -12.66
CA SER F 30 5.80 -14.47 -13.25
C SER F 30 7.00 -14.87 -14.10
N SER F 31 7.26 -14.10 -15.15
CA SER F 31 8.31 -14.48 -16.07
C SER F 31 9.70 -14.27 -15.50
N SER F 32 9.83 -13.45 -14.46
CA SER F 32 11.13 -13.22 -13.86
C SER F 32 11.47 -14.23 -12.78
N TYR F 33 10.60 -15.21 -12.52
CA TYR F 33 10.83 -16.19 -11.47
C TYR F 33 10.96 -17.61 -11.98
N LEU F 34 11.00 -17.83 -13.29
CA LEU F 34 11.19 -19.18 -13.83
C LEU F 34 12.61 -19.35 -14.33
N HIS F 35 13.26 -20.42 -13.89
CA HIS F 35 14.68 -20.65 -14.10
C HIS F 35 14.87 -22.05 -14.66
N TRP F 36 16.01 -22.28 -15.31
CA TRP F 36 16.33 -23.56 -15.91
C TRP F 36 17.68 -24.05 -15.40
N TYR F 37 17.77 -25.35 -15.11
CA TYR F 37 18.99 -25.95 -14.58
C TYR F 37 19.44 -27.11 -15.45
N GLN F 38 20.69 -27.50 -15.30
CA GLN F 38 21.24 -28.66 -15.99
C GLN F 38 22.03 -29.49 -15.00
N GLN F 39 21.63 -30.74 -14.81
CA GLN F 39 22.34 -31.68 -13.97
C GLN F 39 22.86 -32.80 -14.83
N LYS F 40 24.18 -32.97 -14.87
CA LYS F 40 24.74 -34.05 -15.63
C LYS F 40 24.63 -35.37 -14.87
N SER F 41 25.19 -36.42 -15.45
CA SER F 41 25.08 -37.73 -14.84
C SER F 41 26.00 -37.86 -13.64
N GLY F 42 25.42 -38.00 -12.46
CA GLY F 42 26.19 -38.24 -11.26
C GLY F 42 26.94 -37.05 -10.71
N ALA F 43 26.50 -35.82 -10.99
CA ALA F 43 27.16 -34.63 -10.48
C ALA F 43 26.13 -33.66 -9.94
N SER F 44 26.63 -32.61 -9.30
CA SER F 44 25.76 -31.58 -8.75
C SER F 44 25.17 -30.75 -9.87
N PRO F 45 23.96 -30.19 -9.68
CA PRO F 45 23.34 -29.39 -10.73
C PRO F 45 24.04 -28.05 -10.91
N LYS F 46 23.54 -27.30 -11.89
CA LYS F 46 24.15 -26.02 -12.21
C LYS F 46 23.09 -25.11 -12.79
N LEU F 47 23.22 -23.80 -12.54
CA LEU F 47 22.27 -22.85 -13.10
C LEU F 47 22.54 -22.67 -14.57
N TRP F 48 21.48 -22.63 -15.37
CA TRP F 48 21.62 -22.51 -16.81
C TRP F 48 20.98 -21.25 -17.36
N ILE F 49 19.72 -20.99 -17.02
CA ILE F 49 19.02 -19.80 -17.49
C ILE F 49 18.25 -19.24 -16.30
N TYR F 50 18.41 -17.95 -16.02
CA TYR F 50 17.67 -17.30 -14.96
C TYR F 50 16.70 -16.28 -15.56
N SER F 51 15.50 -16.24 -14.99
CA SER F 51 14.42 -15.33 -15.40
C SER F 51 14.06 -15.48 -16.88
N THR F 52 13.97 -16.74 -17.31
CA THR F 52 13.33 -17.31 -18.51
C THR F 52 13.94 -16.91 -19.85
N SER F 53 14.83 -15.93 -19.90
CA SER F 53 15.50 -15.66 -21.16
C SER F 53 16.94 -15.21 -21.00
N ASN F 54 17.46 -15.09 -19.79
CA ASN F 54 18.81 -14.59 -19.58
C ASN F 54 19.73 -15.75 -19.32
N LEU F 55 20.85 -15.77 -20.03
CA LEU F 55 21.80 -16.85 -19.95
C LEU F 55 22.70 -16.66 -18.73
N ALA F 56 23.12 -17.77 -18.12
CA ALA F 56 23.97 -17.71 -16.95
C ALA F 56 25.42 -17.47 -17.37
N SER F 57 26.35 -17.61 -16.43
CA SER F 57 27.75 -17.37 -16.72
C SER F 57 28.41 -18.63 -17.24
N GLY F 58 29.16 -18.50 -18.33
CA GLY F 58 29.90 -19.61 -18.89
C GLY F 58 29.08 -20.56 -19.73
N VAL F 59 27.80 -20.31 -19.92
CA VAL F 59 26.94 -21.17 -20.72
C VAL F 59 27.25 -20.91 -22.19
N PRO F 60 27.15 -21.90 -23.08
CA PRO F 60 27.26 -21.61 -24.51
C PRO F 60 26.09 -20.79 -25.01
N ALA F 61 26.31 -20.15 -26.15
CA ALA F 61 25.31 -19.26 -26.73
C ALA F 61 24.23 -20.00 -27.51
N ARG F 62 24.29 -21.32 -27.58
CA ARG F 62 23.28 -22.07 -28.32
C ARG F 62 21.95 -22.09 -27.60
N PHE F 63 21.98 -22.11 -26.27
CA PHE F 63 20.75 -22.21 -25.49
C PHE F 63 20.01 -20.90 -25.51
N SER F 64 18.68 -20.97 -25.63
CA SER F 64 17.84 -19.78 -25.60
C SER F 64 16.46 -20.18 -25.11
N GLY F 65 16.05 -19.61 -23.99
CA GLY F 65 14.74 -19.87 -23.43
C GLY F 65 13.79 -18.76 -23.83
N SER F 66 12.50 -19.04 -23.73
CA SER F 66 11.47 -18.08 -24.11
C SER F 66 10.18 -18.46 -23.39
N GLY F 67 9.10 -17.78 -23.76
CA GLY F 67 7.78 -18.10 -23.25
C GLY F 67 7.33 -17.11 -22.21
N SER F 68 6.03 -17.16 -21.94
CA SER F 68 5.41 -16.31 -20.93
C SER F 68 4.10 -16.93 -20.49
N GLY F 69 3.58 -16.44 -19.37
CA GLY F 69 2.33 -16.95 -18.86
C GLY F 69 2.50 -18.27 -18.14
N THR F 70 1.89 -19.33 -18.66
CA THR F 70 2.01 -20.66 -18.08
C THR F 70 2.75 -21.64 -18.97
N SER F 71 3.24 -21.22 -20.12
CA SER F 71 3.95 -22.11 -21.04
C SER F 71 5.34 -21.56 -21.30
N TYR F 72 6.36 -22.31 -20.89
CA TYR F 72 7.74 -21.92 -21.04
C TYR F 72 8.50 -23.00 -21.78
N SER F 73 9.60 -22.61 -22.42
CA SER F 73 10.31 -23.55 -23.28
C SER F 73 11.79 -23.21 -23.33
N LEU F 74 12.59 -24.24 -23.55
CA LEU F 74 14.03 -24.12 -23.73
C LEU F 74 14.39 -24.66 -25.10
N THR F 75 15.19 -23.91 -25.84
CA THR F 75 15.50 -24.22 -27.24
C THR F 75 17.00 -24.33 -27.40
N ILE F 76 17.45 -25.46 -27.94
CA ILE F 76 18.86 -25.65 -28.29
C ILE F 76 18.97 -25.62 -29.80
N SER F 77 19.81 -24.72 -30.32
CA SER F 77 19.93 -24.56 -31.77
C SER F 77 20.69 -25.73 -32.39
N SER F 78 21.85 -26.05 -31.84
CA SER F 78 22.66 -27.17 -32.29
C SER F 78 22.96 -28.07 -31.11
N VAL F 79 22.72 -29.37 -31.27
CA VAL F 79 23.02 -30.32 -30.21
C VAL F 79 24.45 -30.81 -30.38
N GLU F 80 25.19 -30.86 -29.29
CA GLU F 80 26.52 -31.46 -29.27
C GLU F 80 26.55 -32.63 -28.29
N ALA F 81 27.71 -33.24 -28.17
CA ALA F 81 27.90 -34.35 -27.24
C ALA F 81 28.17 -33.86 -25.83
N GLU F 82 28.33 -32.56 -25.64
CA GLU F 82 28.66 -32.04 -24.32
C GLU F 82 27.43 -31.79 -23.47
N ASP F 83 26.28 -31.53 -24.09
CA ASP F 83 25.08 -31.17 -23.35
C ASP F 83 24.07 -32.32 -23.28
N ALA F 84 24.53 -33.54 -23.05
CA ALA F 84 23.62 -34.65 -22.78
C ALA F 84 23.42 -34.75 -21.28
N ALA F 85 22.34 -34.18 -20.77
CA ALA F 85 22.10 -34.12 -19.34
C ALA F 85 20.61 -33.98 -19.08
N THR F 86 20.25 -33.74 -17.83
CA THR F 86 18.86 -33.60 -17.43
C THR F 86 18.55 -32.15 -17.10
N TYR F 87 17.42 -31.65 -17.60
CA TYR F 87 17.07 -30.24 -17.48
C TYR F 87 15.81 -30.08 -16.65
N TYR F 88 15.91 -29.30 -15.58
CA TYR F 88 14.80 -29.00 -14.68
C TYR F 88 14.38 -27.56 -14.84
N CYS F 89 13.12 -27.28 -14.51
CA CYS F 89 12.62 -25.92 -14.45
C CYS F 89 12.16 -25.63 -13.03
N GLN F 90 12.41 -24.41 -12.57
CA GLN F 90 12.04 -23.96 -11.23
C GLN F 90 11.02 -22.85 -11.37
N GLN F 91 10.21 -22.64 -10.34
CA GLN F 91 9.21 -21.59 -10.34
C GLN F 91 9.17 -20.93 -8.98
N PHE F 92 8.39 -19.85 -8.89
CA PHE F 92 7.96 -19.29 -7.62
C PHE F 92 6.70 -18.47 -7.87
N SER F 93 5.57 -18.94 -7.35
CA SER F 93 4.36 -18.13 -7.22
C SER F 93 3.98 -17.95 -5.76
N GLY F 94 4.21 -18.97 -4.95
CA GLY F 94 4.16 -18.87 -3.50
C GLY F 94 5.07 -19.94 -2.97
N TYR F 95 5.36 -19.88 -1.68
CA TYR F 95 6.21 -20.90 -1.08
C TYR F 95 5.47 -22.23 -1.06
N PRO F 96 6.17 -23.34 -1.35
CA PRO F 96 7.58 -23.53 -1.64
C PRO F 96 7.96 -23.38 -3.11
N LEU F 97 9.26 -23.40 -3.40
CA LEU F 97 9.74 -23.38 -4.77
C LEU F 97 9.80 -24.81 -5.29
N THR F 98 9.00 -25.11 -6.29
CA THR F 98 8.90 -26.48 -6.81
C THR F 98 9.76 -26.62 -8.05
N PHE F 99 10.43 -27.76 -8.17
CA PHE F 99 11.21 -28.10 -9.34
C PHE F 99 10.40 -29.01 -10.26
N GLY F 100 10.79 -29.08 -11.52
CA GLY F 100 10.08 -29.90 -12.47
C GLY F 100 10.44 -31.36 -12.36
N ALA F 101 9.78 -32.16 -13.20
CA ALA F 101 10.07 -33.59 -13.22
C ALA F 101 11.41 -33.88 -13.86
N GLY F 102 11.63 -33.37 -15.07
CA GLY F 102 12.89 -33.56 -15.75
C GLY F 102 12.76 -34.01 -17.19
N THR F 103 13.60 -33.48 -18.07
CA THR F 103 13.65 -33.88 -19.47
C THR F 103 15.07 -34.33 -19.77
N LYS F 104 15.23 -35.63 -20.03
CA LYS F 104 16.55 -36.20 -20.22
C LYS F 104 16.91 -36.19 -21.70
N LEU F 105 18.01 -35.54 -22.04
CA LEU F 105 18.47 -35.45 -23.43
C LEU F 105 19.39 -36.65 -23.69
N GLU F 106 18.95 -37.55 -24.55
CA GLU F 106 19.72 -38.73 -24.91
C GLU F 106 20.35 -38.54 -26.28
N LEU F 107 21.68 -38.63 -26.33
CA LEU F 107 22.40 -38.42 -27.56
C LEU F 107 22.27 -39.64 -28.45
N LYS F 108 22.17 -39.41 -29.77
CA LYS F 108 21.99 -40.49 -30.72
C LYS F 108 23.31 -40.87 -31.38
#